data_6G5O
#
_entry.id   6G5O
#
_cell.length_a   63.280
_cell.length_b   68.152
_cell.length_c   199.728
_cell.angle_alpha   90.00
_cell.angle_beta   90.00
_cell.angle_gamma   90.00
#
_symmetry.space_group_name_H-M   'P 21 21 21'
#
loop_
_entity.id
_entity.type
_entity.pdbx_description
1 polymer 'Cytochrome P450'
2 non-polymer 'PROTOPORPHYRIN IX CONTAINING FE'
3 water water
#
_entity_poly.entity_id   1
_entity_poly.type   'polypeptide(L)'
_entity_poly.pdbx_seq_one_letter_code
;MKKSELPDPFEKARESKGYGEMNDQDDPVTMLLRHKDVRKSAHNYKTFQSGAVPGRIVIPSEVDIRDTRQIPFEVDPPVH
GVYRAIVEPWFKRPLQAEYQEKLTAQISEIVEETLLKGSVEVVTDFALRLQSRALTLLLNTPFSESETWISWGTHVFRSE
GEALDGDKANILYHYIDEQIDRASENPGDDMYSVLLNSEFEGRKLTKEEVKGVMVLTFAGGRDTVINAVTNSIAYLAEHP
EALERLRKEPEITGRAVEEMIRYFSPLTQMGRVVTEDTHVCEHAVKADSRISLCWASANRDAAVFENPNEIVLDRKVNPH
VGFGFSHHNCLGATHARQILKILLQTLAQKVASFEILDYKENIEDLDHFQRKVGFHNIQIKFNPLTKLAAALEHHHHHH
;
_entity_poly.pdbx_strand_id   A,B
#
# COMPACT_ATOMS: atom_id res chain seq x y z
N LYS A 2 -37.27 0.27 9.90
CA LYS A 2 -37.85 1.64 9.89
C LYS A 2 -36.90 2.65 10.58
N LYS A 3 -36.27 2.30 11.70
CA LYS A 3 -35.42 3.26 12.43
C LYS A 3 -34.12 3.68 11.66
N SER A 4 -33.46 2.71 11.03
CA SER A 4 -32.29 2.98 10.16
C SER A 4 -32.64 3.36 8.74
N GLU A 5 -33.91 3.53 8.44
CA GLU A 5 -34.32 3.93 7.10
C GLU A 5 -34.01 5.40 6.84
N LEU A 6 -33.51 5.74 5.65
CA LEU A 6 -33.48 7.12 5.15
C LEU A 6 -34.41 7.23 3.97
N PRO A 7 -35.62 7.79 4.19
CA PRO A 7 -36.57 7.96 3.12
C PRO A 7 -36.04 8.90 2.06
N ASP A 8 -36.61 8.81 0.88
CA ASP A 8 -36.26 9.65 -0.25
C ASP A 8 -37.33 10.73 -0.38
N PRO A 9 -37.08 11.92 0.19
CA PRO A 9 -38.07 13.01 0.06
C PRO A 9 -38.18 13.61 -1.34
N PHE A 10 -37.28 13.25 -2.25
CA PHE A 10 -37.21 13.90 -3.58
C PHE A 10 -38.00 13.23 -4.69
N GLU A 11 -38.65 12.11 -4.36
CA GLU A 11 -39.22 11.20 -5.35
C GLU A 11 -40.26 11.77 -6.31
N LYS A 12 -41.32 12.36 -5.75
CA LYS A 12 -42.36 12.96 -6.56
C LYS A 12 -41.73 14.01 -7.45
N ALA A 13 -40.98 14.94 -6.89
CA ALA A 13 -40.43 16.01 -7.74
C ALA A 13 -39.46 15.50 -8.83
N ARG A 14 -38.66 14.48 -8.52
CA ARG A 14 -37.70 13.91 -9.49
C ARG A 14 -38.42 13.32 -10.67
N GLU A 15 -39.46 12.55 -10.39
CA GLU A 15 -40.22 11.85 -11.43
C GLU A 15 -41.11 12.80 -12.27
N SER A 16 -41.69 13.82 -11.65
CA SER A 16 -42.56 14.77 -12.39
C SER A 16 -41.79 15.88 -13.13
N LYS A 17 -41.13 16.79 -12.41
CA LYS A 17 -40.43 17.94 -13.05
C LYS A 17 -38.91 17.75 -13.23
N GLY A 18 -38.28 16.97 -12.35
CA GLY A 18 -36.84 16.72 -12.40
C GLY A 18 -35.97 17.72 -11.64
N TYR A 19 -36.63 18.67 -10.97
CA TYR A 19 -35.95 19.65 -10.16
C TYR A 19 -36.82 20.12 -9.01
N GLY A 20 -36.21 20.82 -8.07
CA GLY A 20 -36.88 21.41 -6.94
C GLY A 20 -36.27 22.77 -6.73
N GLU A 21 -36.78 23.48 -5.72
CA GLU A 21 -36.26 24.81 -5.43
C GLU A 21 -36.22 25.02 -3.96
N MET A 22 -35.13 25.63 -3.51
CA MET A 22 -35.00 26.09 -2.13
C MET A 22 -34.39 27.50 -2.02
N ASN A 23 -34.78 28.25 -0.99
CA ASN A 23 -34.28 29.61 -0.75
C ASN A 23 -33.18 29.48 0.31
N ASP A 24 -32.14 30.28 0.20
CA ASP A 24 -31.05 30.25 1.19
C ASP A 24 -30.32 31.56 1.10
N GLN A 25 -30.53 32.43 2.09
CA GLN A 25 -29.84 33.74 2.22
C GLN A 25 -29.88 34.60 0.95
N ASP A 26 -31.08 34.78 0.40
CA ASP A 26 -31.33 35.68 -0.74
C ASP A 26 -30.65 35.22 -2.03
N ASP A 27 -30.23 33.96 -2.06
CA ASP A 27 -29.48 33.37 -3.18
C ASP A 27 -30.15 32.06 -3.53
N PRO A 28 -31.25 32.12 -4.29
CA PRO A 28 -32.06 30.91 -4.39
C PRO A 28 -31.44 29.79 -5.27
N VAL A 29 -31.86 28.55 -5.03
CA VAL A 29 -31.23 27.35 -5.59
C VAL A 29 -32.23 26.52 -6.39
N THR A 30 -31.86 26.18 -7.62
CA THR A 30 -32.52 25.15 -8.41
C THR A 30 -31.82 23.76 -8.26
N MET A 31 -32.46 22.85 -7.55
CA MET A 31 -31.91 21.53 -7.24
C MET A 31 -32.10 20.52 -8.36
N LEU A 32 -31.03 20.02 -8.99
CA LEU A 32 -31.14 18.96 -9.98
C LEU A 32 -31.28 17.57 -9.31
N LEU A 33 -32.25 16.77 -9.73
CA LEU A 33 -32.64 15.59 -9.01
C LEU A 33 -32.43 14.26 -9.73
N ARG A 34 -32.26 14.29 -11.04
CA ARG A 34 -32.08 13.06 -11.82
C ARG A 34 -30.61 12.70 -12.03
N HIS A 35 -30.29 11.42 -11.88
CA HIS A 35 -28.93 10.90 -12.14
C HIS A 35 -28.26 11.45 -13.42
N LYS A 36 -28.94 11.35 -14.55
CA LYS A 36 -28.39 11.74 -15.88
C LYS A 36 -28.03 13.23 -15.92
N ASP A 37 -28.86 14.05 -15.30
CA ASP A 37 -28.68 15.49 -15.31
C ASP A 37 -27.60 15.93 -14.35
N VAL A 38 -27.55 15.24 -13.20
CA VAL A 38 -26.50 15.48 -12.21
C VAL A 38 -25.12 15.16 -12.77
N ARG A 39 -25.01 14.04 -13.45
CA ARG A 39 -23.75 13.71 -14.13
C ARG A 39 -23.40 14.74 -15.22
N LYS A 40 -24.31 15.03 -16.13
CA LYS A 40 -24.00 15.96 -17.26
C LYS A 40 -23.60 17.33 -16.70
N SER A 41 -24.32 17.81 -15.69
CA SER A 41 -24.02 19.13 -15.10
C SER A 41 -22.72 19.16 -14.29
N ALA A 42 -22.45 18.09 -13.52
CA ALA A 42 -21.14 17.97 -12.83
C ALA A 42 -19.96 17.98 -13.78
N HIS A 43 -20.09 17.37 -14.94
CA HIS A 43 -19.04 17.37 -15.94
C HIS A 43 -18.88 18.72 -16.65
N ASN A 44 -19.93 19.53 -16.69
CA ASN A 44 -19.93 20.76 -17.49
C ASN A 44 -19.63 21.96 -16.59
N TYR A 45 -18.34 22.14 -16.31
CA TYR A 45 -17.84 23.18 -15.38
C TYR A 45 -17.89 24.59 -15.97
N LYS A 46 -17.88 24.68 -17.29
CA LYS A 46 -17.99 25.97 -17.99
C LYS A 46 -19.32 26.66 -17.71
N THR A 47 -20.41 25.91 -17.89
CA THR A 47 -21.74 26.43 -17.57
C THR A 47 -22.01 26.43 -16.05
N PHE A 48 -21.62 25.35 -15.36
CA PHE A 48 -21.86 25.23 -13.90
C PHE A 48 -20.53 25.22 -13.11
N GLN A 49 -20.10 26.42 -12.70
CA GLN A 49 -18.75 26.62 -12.22
C GLN A 49 -18.62 26.39 -10.71
N SER A 50 -17.41 25.98 -10.28
CA SER A 50 -17.07 25.90 -8.85
C SER A 50 -16.21 27.07 -8.37
N GLY A 51 -15.59 27.75 -9.33
CA GLY A 51 -14.68 28.86 -9.07
C GLY A 51 -15.36 30.18 -8.71
N ALA A 52 -16.25 30.15 -7.73
CA ALA A 52 -17.02 31.31 -7.35
C ALA A 52 -16.38 32.06 -6.16
N VAL A 53 -17.03 33.12 -5.72
CA VAL A 53 -16.72 33.77 -4.49
C VAL A 53 -16.72 32.72 -3.38
N PRO A 54 -15.64 32.69 -2.58
CA PRO A 54 -15.52 31.61 -1.61
C PRO A 54 -16.73 31.50 -0.74
N GLY A 55 -17.20 30.26 -0.55
CA GLY A 55 -18.39 30.01 0.27
C GLY A 55 -19.68 29.91 -0.50
N ARG A 56 -19.68 30.41 -1.71
CA ARG A 56 -20.95 30.53 -2.42
C ARG A 56 -21.55 29.21 -2.87
N ILE A 57 -20.74 28.25 -3.30
CA ILE A 57 -21.27 27.01 -3.84
C ILE A 57 -21.76 26.04 -2.74
N VAL A 58 -21.53 26.36 -1.47
CA VAL A 58 -22.01 25.49 -0.40
C VAL A 58 -23.47 25.86 -0.10
N ILE A 59 -24.18 24.91 0.54
CA ILE A 59 -25.56 25.07 0.95
C ILE A 59 -25.77 24.51 2.35
N PRO A 60 -26.00 25.39 3.34
CA PRO A 60 -26.14 26.85 3.19
C PRO A 60 -24.86 27.59 2.78
N SER A 61 -25.02 28.64 1.94
CA SER A 61 -23.92 29.53 1.58
C SER A 61 -23.14 30.00 2.78
N GLU A 62 -21.83 30.15 2.56
CA GLU A 62 -20.86 30.47 3.63
C GLU A 62 -20.11 31.76 3.29
N VAL A 63 -20.56 32.52 2.28
CA VAL A 63 -19.95 33.83 1.93
C VAL A 63 -19.71 34.76 3.15
N ASP A 64 -20.59 34.71 4.13
CA ASP A 64 -20.56 35.66 5.22
C ASP A 64 -19.65 35.20 6.33
N ILE A 65 -19.21 33.94 6.29
CA ILE A 65 -18.38 33.39 7.36
C ILE A 65 -16.93 33.15 6.99
N ARG A 66 -16.56 33.26 5.72
CA ARG A 66 -15.17 33.01 5.36
C ARG A 66 -14.77 33.70 4.07
N ASP A 67 -13.48 33.98 3.95
CA ASP A 67 -12.90 34.70 2.84
C ASP A 67 -11.96 33.80 1.99
N THR A 68 -11.41 32.75 2.60
CA THR A 68 -10.38 31.93 1.97
C THR A 68 -10.92 30.86 0.98
N ARG A 69 -10.41 30.91 -0.23
CA ARG A 69 -10.80 30.00 -1.32
C ARG A 69 -10.32 28.59 -1.02
N GLN A 70 -11.22 27.63 -1.04
CA GLN A 70 -10.85 26.24 -0.78
C GLN A 70 -10.29 25.57 -2.01
N ILE A 71 -9.33 24.69 -1.80
CA ILE A 71 -8.53 24.10 -2.88
C ILE A 71 -8.41 22.56 -2.71
N PRO A 72 -8.80 21.77 -3.74
CA PRO A 72 -9.18 22.23 -5.09
C PRO A 72 -10.66 22.54 -5.31
N PHE A 73 -11.45 22.42 -4.26
CA PHE A 73 -12.89 22.54 -4.26
C PHE A 73 -13.51 23.72 -5.00
N GLU A 74 -12.90 24.90 -4.84
CA GLU A 74 -13.46 26.15 -5.38
C GLU A 74 -12.60 26.65 -6.49
N VAL A 75 -12.16 25.72 -7.34
CA VAL A 75 -11.30 26.06 -8.48
C VAL A 75 -11.77 25.25 -9.68
N ASP A 76 -11.75 25.86 -10.85
CA ASP A 76 -12.19 25.24 -12.09
C ASP A 76 -10.99 24.82 -12.89
N PRO A 77 -11.17 23.83 -13.79
CA PRO A 77 -10.13 23.49 -14.74
C PRO A 77 -9.84 24.69 -15.63
N PRO A 78 -8.67 24.74 -16.26
CA PRO A 78 -7.58 23.74 -16.10
C PRO A 78 -6.73 23.85 -14.82
N VAL A 79 -6.85 24.96 -14.09
CA VAL A 79 -6.07 25.20 -12.90
C VAL A 79 -6.39 24.14 -11.81
N HIS A 80 -7.64 23.72 -11.72
CA HIS A 80 -8.06 22.63 -10.83
C HIS A 80 -7.16 21.40 -10.90
N GLY A 81 -6.84 20.94 -12.10
CA GLY A 81 -6.06 19.70 -12.24
C GLY A 81 -4.65 19.80 -11.73
N VAL A 82 -4.04 21.00 -11.84
CA VAL A 82 -2.70 21.26 -11.34
C VAL A 82 -2.67 21.16 -9.78
N TYR A 83 -3.55 21.88 -9.07
CA TYR A 83 -3.61 21.75 -7.59
C TYR A 83 -3.94 20.27 -7.20
N ARG A 84 -4.84 19.68 -7.95
CA ARG A 84 -5.29 18.34 -7.67
C ARG A 84 -4.13 17.34 -7.79
N ALA A 85 -3.26 17.50 -8.81
CA ALA A 85 -2.09 16.61 -8.99
C ALA A 85 -1.09 16.77 -7.86
N ILE A 86 -1.00 17.97 -7.28
CA ILE A 86 -0.19 18.15 -6.09
C ILE A 86 -0.67 17.33 -4.88
N VAL A 87 -1.95 17.37 -4.59
CA VAL A 87 -2.44 16.76 -3.35
C VAL A 87 -2.92 15.30 -3.50
N GLU A 88 -3.08 14.82 -4.72
CA GLU A 88 -3.69 13.52 -4.89
C GLU A 88 -2.85 12.35 -4.34
N PRO A 89 -1.52 12.38 -4.50
CA PRO A 89 -0.77 11.27 -3.90
C PRO A 89 -0.85 11.23 -2.39
N TRP A 90 -0.96 12.39 -1.75
CA TRP A 90 -1.12 12.44 -0.30
C TRP A 90 -2.40 11.69 0.11
N PHE A 91 -3.49 11.97 -0.59
CA PHE A 91 -4.80 11.38 -0.29
C PHE A 91 -4.94 9.88 -0.67
N LYS A 92 -4.04 9.38 -1.51
CA LYS A 92 -4.01 7.97 -1.87
C LYS A 92 -3.25 7.12 -0.84
N ARG A 93 -2.57 7.76 0.12
CA ARG A 93 -1.82 7.02 1.13
C ARG A 93 -2.59 5.94 1.92
N PRO A 94 -3.91 6.08 2.10
CA PRO A 94 -4.58 5.00 2.88
C PRO A 94 -4.61 3.63 2.17
N LEU A 95 -4.13 3.58 0.93
CA LEU A 95 -3.96 2.29 0.24
C LEU A 95 -2.79 1.43 0.73
N GLN A 96 -1.91 2.01 1.54
CA GLN A 96 -0.66 1.39 2.01
C GLN A 96 -0.98 0.44 3.17
N ALA A 97 -0.24 -0.68 3.24
CA ALA A 97 -0.51 -1.69 4.27
C ALA A 97 -0.28 -1.16 5.67
N GLU A 98 0.77 -0.38 5.86
CA GLU A 98 1.13 0.10 7.21
C GLU A 98 0.04 1.00 7.75
N TYR A 99 -0.49 1.87 6.90
CA TYR A 99 -1.59 2.77 7.25
C TYR A 99 -2.84 1.99 7.64
N GLN A 100 -3.23 1.03 6.82
CA GLN A 100 -4.37 0.18 7.14
C GLN A 100 -4.20 -0.63 8.43
N GLU A 101 -2.97 -1.06 8.77
CA GLU A 101 -2.75 -1.79 10.04
C GLU A 101 -3.03 -0.91 11.26
N LYS A 102 -2.52 0.33 11.19
CA LYS A 102 -2.76 1.26 12.29
C LYS A 102 -4.23 1.56 12.46
N LEU A 103 -4.91 1.70 11.33
CA LEU A 103 -6.33 1.99 11.34
C LEU A 103 -7.16 0.76 11.82
N THR A 104 -6.74 -0.42 11.45
CA THR A 104 -7.35 -1.65 11.96
C THR A 104 -7.20 -1.71 13.48
N ALA A 105 -6.00 -1.41 13.96
CA ALA A 105 -5.74 -1.36 15.41
C ALA A 105 -6.62 -0.32 16.15
N GLN A 106 -6.75 0.89 15.61
CA GLN A 106 -7.67 1.90 16.20
C GLN A 106 -9.11 1.42 16.25
N ILE A 107 -9.56 0.78 15.17
CA ILE A 107 -10.97 0.48 15.07
C ILE A 107 -11.30 -0.79 15.94
N SER A 108 -10.38 -1.74 15.93
CA SER A 108 -10.43 -2.85 16.84
C SER A 108 -10.54 -2.39 18.31
N GLU A 109 -9.63 -1.50 18.72
CA GLU A 109 -9.64 -0.90 20.07
C GLU A 109 -10.99 -0.28 20.48
N ILE A 110 -11.52 0.59 19.63
CA ILE A 110 -12.78 1.27 19.93
C ILE A 110 -13.97 0.29 19.95
N VAL A 111 -13.96 -0.73 19.09
CA VAL A 111 -15.00 -1.74 19.16
C VAL A 111 -14.91 -2.55 20.48
N GLU A 112 -13.71 -2.96 20.88
CA GLU A 112 -13.50 -3.75 22.13
C GLU A 112 -13.92 -2.99 23.37
N GLU A 113 -13.47 -1.74 23.50
CA GLU A 113 -13.94 -0.85 24.57
C GLU A 113 -15.48 -0.64 24.56
N THR A 114 -16.08 -0.58 23.39
CA THR A 114 -17.54 -0.45 23.32
C THR A 114 -18.26 -1.75 23.77
N LEU A 115 -17.64 -2.90 23.52
CA LEU A 115 -18.15 -4.17 24.00
C LEU A 115 -18.14 -4.27 25.53
N LEU A 116 -17.10 -3.73 26.18
CA LEU A 116 -17.08 -3.60 27.65
C LEU A 116 -18.11 -2.63 28.22
N LYS A 117 -18.31 -1.47 27.60
CA LYS A 117 -19.33 -0.50 28.09
C LYS A 117 -20.72 -1.09 27.93
N GLY A 118 -20.90 -1.93 26.90
CA GLY A 118 -22.19 -2.56 26.63
C GLY A 118 -23.11 -1.68 25.79
N SER A 119 -23.35 -0.45 26.25
CA SER A 119 -24.20 0.51 25.55
C SER A 119 -23.53 1.90 25.47
N VAL A 120 -23.58 2.53 24.29
CA VAL A 120 -22.94 3.84 24.06
C VAL A 120 -23.76 4.75 23.20
N GLU A 121 -23.49 6.03 23.29
CA GLU A 121 -24.10 6.97 22.39
C GLU A 121 -23.17 6.99 21.15
N VAL A 122 -23.65 6.41 20.05
CA VAL A 122 -22.80 6.18 18.86
C VAL A 122 -22.22 7.45 18.22
N VAL A 123 -23.03 8.50 18.06
CA VAL A 123 -22.57 9.69 17.36
C VAL A 123 -21.30 10.30 17.97
N THR A 124 -21.34 10.60 19.29
CA THR A 124 -20.22 11.24 20.00
C THR A 124 -19.19 10.26 20.58
N ASP A 125 -19.65 9.23 21.28
CA ASP A 125 -18.75 8.30 21.96
C ASP A 125 -18.07 7.30 21.03
N PHE A 126 -18.60 7.11 19.82
CA PHE A 126 -18.04 6.11 18.92
C PHE A 126 -17.61 6.76 17.58
N ALA A 127 -18.53 7.35 16.83
CA ALA A 127 -18.25 7.86 15.49
C ALA A 127 -17.25 9.02 15.47
N LEU A 128 -17.47 10.01 16.33
CA LEU A 128 -16.56 11.16 16.49
C LEU A 128 -15.14 10.75 16.92
N ARG A 129 -15.05 9.78 17.82
CA ARG A 129 -13.75 9.25 18.24
C ARG A 129 -13.02 8.51 17.10
N LEU A 130 -13.72 7.60 16.42
CA LEU A 130 -13.12 6.89 15.31
C LEU A 130 -12.67 7.89 14.20
N GLN A 131 -13.51 8.84 13.84
CA GLN A 131 -13.22 9.82 12.78
C GLN A 131 -11.98 10.68 13.09
N SER A 132 -11.93 11.24 14.31
CA SER A 132 -10.80 12.04 14.79
C SER A 132 -9.51 11.24 14.88
N ARG A 133 -9.59 10.01 15.37
CA ARG A 133 -8.39 9.21 15.42
C ARG A 133 -7.90 8.85 14.01
N ALA A 134 -8.82 8.45 13.13
CA ALA A 134 -8.42 8.08 11.79
C ALA A 134 -7.79 9.28 11.05
N LEU A 135 -8.18 10.47 11.41
CA LEU A 135 -7.69 11.68 10.72
C LEU A 135 -6.22 11.98 11.06
N THR A 136 -5.72 11.50 12.21
CA THR A 136 -4.31 11.64 12.57
C THR A 136 -3.39 10.89 11.60
N LEU A 137 -3.89 9.75 11.08
CA LEU A 137 -3.16 8.99 10.06
C LEU A 137 -3.11 9.70 8.72
N LEU A 138 -4.22 10.25 8.27
CA LEU A 138 -4.25 10.96 6.99
C LEU A 138 -3.33 12.20 7.04
N LEU A 139 -3.40 12.92 8.15
CA LEU A 139 -2.62 14.11 8.34
C LEU A 139 -1.17 13.84 8.79
N ASN A 140 -0.93 12.63 9.30
CA ASN A 140 0.38 12.22 9.82
C ASN A 140 0.84 13.18 10.94
N THR A 141 -0.10 13.46 11.86
CA THR A 141 0.15 14.17 13.09
C THR A 141 0.24 13.16 14.26
N PRO A 142 0.78 13.61 15.39
CA PRO A 142 0.71 12.73 16.57
C PRO A 142 -0.74 12.31 16.93
N PHE A 143 -0.90 11.07 17.36
CA PHE A 143 -2.21 10.58 17.78
C PHE A 143 -2.98 11.50 18.74
N SER A 144 -2.26 12.13 19.66
CA SER A 144 -2.90 12.96 20.70
C SER A 144 -3.63 14.20 20.17
N GLU A 145 -3.34 14.59 18.93
CA GLU A 145 -4.06 15.74 18.33
C GLU A 145 -5.56 15.46 18.18
N SER A 146 -5.92 14.17 18.12
CA SER A 146 -7.33 13.76 18.05
C SER A 146 -8.18 14.26 19.22
N GLU A 147 -7.56 14.44 20.39
CA GLU A 147 -8.27 14.96 21.60
C GLU A 147 -8.74 16.39 21.39
N THR A 148 -7.94 17.19 20.73
CA THR A 148 -8.37 18.52 20.35
C THR A 148 -9.61 18.45 19.49
N TRP A 149 -9.57 17.61 18.46
CA TRP A 149 -10.68 17.52 17.51
C TRP A 149 -11.93 16.95 18.18
N ILE A 150 -11.76 15.96 19.02
CA ILE A 150 -12.90 15.44 19.79
C ILE A 150 -13.56 16.50 20.70
N SER A 151 -12.76 17.35 21.35
CA SER A 151 -13.28 18.45 22.18
C SER A 151 -14.16 19.44 21.46
N TRP A 152 -13.89 19.69 20.18
CA TRP A 152 -14.77 20.56 19.40
C TRP A 152 -16.23 20.06 19.35
N GLY A 153 -16.45 18.75 19.41
CA GLY A 153 -17.81 18.21 19.36
C GLY A 153 -18.42 18.20 17.96
N THR A 154 -19.66 17.69 17.87
CA THR A 154 -20.52 17.82 16.70
C THR A 154 -21.31 19.12 16.89
N ASP A 167 -18.02 33.41 13.60
CA ASP A 167 -17.41 33.40 14.93
C ASP A 167 -17.12 31.97 15.39
N LYS A 168 -18.03 31.03 15.13
CA LYS A 168 -17.82 29.58 15.47
C LYS A 168 -16.82 28.83 14.51
N ALA A 169 -16.86 29.20 13.23
CA ALA A 169 -15.94 28.68 12.22
C ALA A 169 -14.49 29.16 12.47
N ASN A 170 -14.34 30.39 12.94
CA ASN A 170 -13.03 30.95 13.29
C ASN A 170 -12.23 30.13 14.27
N ILE A 171 -12.88 29.32 15.09
CA ILE A 171 -12.16 28.39 15.95
C ILE A 171 -11.32 27.46 15.08
N LEU A 172 -11.95 26.89 14.05
CA LEU A 172 -11.23 26.06 13.09
C LEU A 172 -10.21 26.87 12.29
N TYR A 173 -10.59 28.04 11.81
CA TYR A 173 -9.71 28.77 10.90
C TYR A 173 -8.45 29.25 11.62
N HIS A 174 -8.59 29.68 12.86
CA HIS A 174 -7.43 30.12 13.64
C HIS A 174 -6.53 28.94 14.06
N TYR A 175 -7.12 27.79 14.37
CA TYR A 175 -6.32 26.64 14.69
C TYR A 175 -5.49 26.20 13.47
N ILE A 176 -6.08 26.27 12.28
CA ILE A 176 -5.38 25.90 11.05
C ILE A 176 -4.24 26.89 10.82
N ASP A 177 -4.53 28.20 10.91
CA ASP A 177 -3.48 29.27 10.87
C ASP A 177 -2.31 28.95 11.80
N GLU A 178 -2.63 28.49 13.03
CA GLU A 178 -1.58 28.17 14.01
C GLU A 178 -0.72 26.99 13.59
N GLN A 179 -1.33 25.89 13.14
CA GLN A 179 -0.55 24.77 12.65
C GLN A 179 0.30 25.12 11.41
N ILE A 180 -0.21 25.96 10.51
CA ILE A 180 0.57 26.36 9.32
C ILE A 180 1.82 27.12 9.79
N ASP A 181 1.65 28.03 10.73
CA ASP A 181 2.76 28.79 11.35
C ASP A 181 3.77 27.89 12.05
N ARG A 182 3.30 26.93 12.87
CA ARG A 182 4.19 25.94 13.49
C ARG A 182 5.00 25.19 12.46
N ALA A 183 4.35 24.75 11.38
CA ALA A 183 5.06 23.96 10.38
C ALA A 183 6.01 24.80 9.51
N SER A 184 5.76 26.10 9.31
CA SER A 184 6.76 26.96 8.60
C SER A 184 8.00 27.13 9.45
N GLU A 185 7.85 27.34 10.76
CA GLU A 185 9.01 27.50 11.67
C GLU A 185 9.81 26.20 11.73
N ASN A 186 9.13 25.07 11.92
CA ASN A 186 9.77 23.77 12.16
C ASN A 186 9.29 22.64 11.24
N PRO A 187 9.70 22.63 9.96
CA PRO A 187 9.16 21.63 9.02
C PRO A 187 9.34 20.19 9.47
N GLY A 188 8.27 19.40 9.40
CA GLY A 188 8.36 17.95 9.62
C GLY A 188 7.71 17.12 8.51
N ASP A 189 6.90 16.13 8.91
CA ASP A 189 6.38 15.10 8.02
C ASP A 189 4.86 15.15 7.87
N ASP A 190 4.22 16.07 8.59
CA ASP A 190 2.77 16.18 8.61
C ASP A 190 2.26 16.89 7.36
N MET A 191 0.95 16.82 7.11
CA MET A 191 0.40 17.32 5.86
C MET A 191 0.72 18.81 5.60
N TYR A 192 0.67 19.61 6.66
CA TYR A 192 0.99 21.05 6.61
C TYR A 192 2.38 21.27 6.01
N SER A 193 3.34 20.53 6.53
CA SER A 193 4.74 20.64 6.09
C SER A 193 4.94 20.21 4.68
N VAL A 194 4.35 19.08 4.32
CA VAL A 194 4.37 18.62 2.96
C VAL A 194 3.76 19.61 1.97
N LEU A 195 2.63 20.21 2.32
CA LEU A 195 1.98 21.16 1.43
C LEU A 195 2.85 22.42 1.22
N LEU A 196 3.44 22.92 2.31
CA LEU A 196 4.30 24.10 2.25
C LEU A 196 5.55 23.90 1.40
N ASN A 197 5.99 22.64 1.29
CA ASN A 197 7.09 22.29 0.43
C ASN A 197 6.67 21.80 -0.96
N SER A 198 5.39 21.73 -1.28
CA SER A 198 4.95 21.29 -2.60
C SER A 198 4.94 22.45 -3.60
N GLU A 199 4.91 22.13 -4.89
CA GLU A 199 5.09 23.14 -5.93
C GLU A 199 3.97 23.21 -6.94
N PHE A 200 3.60 24.46 -7.24
CA PHE A 200 2.59 24.80 -8.20
C PHE A 200 3.37 25.52 -9.27
N GLU A 201 3.59 24.88 -10.40
CA GLU A 201 4.31 25.52 -11.52
C GLU A 201 5.62 26.15 -11.04
N GLY A 202 6.42 25.32 -10.39
CA GLY A 202 7.73 25.71 -9.91
C GLY A 202 7.89 26.63 -8.71
N ARG A 203 6.81 27.16 -8.12
CA ARG A 203 6.93 27.85 -6.82
C ARG A 203 6.19 27.12 -5.69
N LYS A 204 6.68 27.36 -4.47
CA LYS A 204 6.12 26.73 -3.30
C LYS A 204 4.74 27.31 -3.09
N LEU A 205 3.85 26.50 -2.53
CA LEU A 205 2.51 26.97 -2.17
C LEU A 205 2.66 28.01 -1.08
N THR A 206 1.83 29.05 -1.10
CA THR A 206 1.76 30.01 -0.02
C THR A 206 0.94 29.45 1.14
N LYS A 207 1.03 30.14 2.28
CA LYS A 207 0.29 29.77 3.45
C LYS A 207 -1.21 29.85 3.23
N GLU A 208 -1.65 30.84 2.45
CA GLU A 208 -3.05 30.99 2.07
C GLU A 208 -3.56 29.80 1.26
N GLU A 209 -2.74 29.30 0.34
CA GLU A 209 -3.12 28.11 -0.43
C GLU A 209 -3.16 26.88 0.48
N VAL A 210 -2.23 26.74 1.39
CA VAL A 210 -2.19 25.60 2.30
C VAL A 210 -3.43 25.63 3.15
N LYS A 211 -3.85 26.83 3.58
CA LYS A 211 -5.01 26.96 4.42
C LYS A 211 -6.27 26.54 3.65
N GLY A 212 -6.31 26.91 2.37
CA GLY A 212 -7.36 26.47 1.44
C GLY A 212 -7.55 24.95 1.35
N VAL A 213 -6.44 24.21 1.32
CA VAL A 213 -6.50 22.78 1.31
C VAL A 213 -6.90 22.21 2.67
N MET A 214 -6.33 22.80 3.72
CA MET A 214 -6.47 22.24 5.06
C MET A 214 -7.84 22.47 5.71
N VAL A 215 -8.41 23.67 5.53
CA VAL A 215 -9.78 23.89 6.02
C VAL A 215 -10.78 22.95 5.33
N LEU A 216 -10.63 22.82 4.01
CA LEU A 216 -11.44 21.92 3.23
C LEU A 216 -11.33 20.51 3.71
N THR A 217 -10.11 20.08 3.98
CA THR A 217 -9.84 18.74 4.47
C THR A 217 -10.51 18.42 5.83
N PHE A 218 -10.42 19.34 6.80
CA PHE A 218 -11.12 19.18 8.07
C PHE A 218 -12.62 19.17 7.91
N ALA A 219 -13.14 20.07 7.09
CA ALA A 219 -14.58 20.20 6.99
C ALA A 219 -15.27 19.12 6.14
N GLY A 220 -14.63 18.68 5.06
CA GLY A 220 -15.25 17.78 4.11
C GLY A 220 -15.37 16.35 4.62
N GLY A 221 -14.51 15.97 5.55
CA GLY A 221 -14.52 14.64 6.08
C GLY A 221 -15.11 14.47 7.47
N ARG A 222 -15.62 15.54 8.07
CA ARG A 222 -16.03 15.45 9.48
C ARG A 222 -17.44 14.85 9.62
N ASP A 223 -18.47 15.60 9.22
CA ASP A 223 -19.86 15.14 9.29
C ASP A 223 -20.16 13.97 8.36
N THR A 224 -19.63 14.04 7.13
CA THR A 224 -19.79 12.93 6.19
C THR A 224 -19.36 11.57 6.79
N VAL A 225 -18.14 11.49 7.29
CA VAL A 225 -17.66 10.24 7.90
C VAL A 225 -18.44 9.89 9.18
N ILE A 226 -18.76 10.89 10.00
CA ILE A 226 -19.48 10.63 11.25
C ILE A 226 -20.87 10.01 10.95
N ASN A 227 -21.55 10.57 9.95
CA ASN A 227 -22.85 10.06 9.50
C ASN A 227 -22.79 8.67 8.83
N ALA A 228 -21.80 8.44 7.95
CA ALA A 228 -21.60 7.12 7.36
C ALA A 228 -21.39 6.04 8.41
N VAL A 229 -20.54 6.35 9.39
CA VAL A 229 -20.21 5.36 10.42
C VAL A 229 -21.45 5.04 11.25
N THR A 230 -22.17 6.09 11.64
CA THR A 230 -23.32 5.96 12.52
C THR A 230 -24.47 5.25 11.79
N ASN A 231 -24.74 5.67 10.55
CA ASN A 231 -25.78 5.05 9.73
C ASN A 231 -25.52 3.57 9.45
N SER A 232 -24.24 3.20 9.31
CA SER A 232 -23.89 1.81 9.06
C SER A 232 -24.20 0.91 10.26
N ILE A 233 -23.95 1.41 11.46
CA ILE A 233 -24.15 0.61 12.65
C ILE A 233 -25.66 0.45 12.89
N ALA A 234 -26.40 1.55 12.76
CA ALA A 234 -27.85 1.48 12.78
C ALA A 234 -28.39 0.39 11.87
N TYR A 235 -27.98 0.47 10.59
CA TYR A 235 -28.44 -0.51 9.61
C TYR A 235 -28.13 -1.96 10.02
N LEU A 236 -26.93 -2.20 10.51
CA LEU A 236 -26.53 -3.55 10.87
C LEU A 236 -27.30 -4.02 12.10
N ALA A 237 -27.76 -3.07 12.92
CA ALA A 237 -28.50 -3.38 14.12
C ALA A 237 -29.88 -3.97 13.82
N GLU A 238 -30.49 -3.50 12.73
CA GLU A 238 -31.80 -3.95 12.30
C GLU A 238 -31.75 -5.01 11.19
N HIS A 239 -30.56 -5.39 10.74
CA HIS A 239 -30.38 -6.40 9.70
C HIS A 239 -29.34 -7.44 10.07
N PRO A 240 -29.68 -8.34 11.03
CA PRO A 240 -28.79 -9.45 11.44
C PRO A 240 -28.31 -10.30 10.27
N GLU A 241 -29.18 -10.53 9.27
CA GLU A 241 -28.81 -11.33 8.10
C GLU A 241 -27.61 -10.69 7.33
N ALA A 242 -27.59 -9.34 7.26
CA ALA A 242 -26.46 -8.60 6.66
C ALA A 242 -25.19 -8.80 7.45
N LEU A 243 -25.32 -8.72 8.77
CA LEU A 243 -24.18 -8.88 9.64
C LEU A 243 -23.52 -10.26 9.43
N GLU A 244 -24.37 -11.30 9.36
CA GLU A 244 -23.91 -12.69 9.12
C GLU A 244 -23.29 -12.83 7.71
N ARG A 245 -23.91 -12.25 6.69
CA ARG A 245 -23.33 -12.28 5.34
C ARG A 245 -21.92 -11.69 5.29
N LEU A 246 -21.69 -10.58 5.99
CA LEU A 246 -20.34 -9.98 6.04
C LEU A 246 -19.35 -10.83 6.82
N ARG A 247 -19.83 -11.52 7.87
CA ARG A 247 -18.94 -12.45 8.59
C ARG A 247 -18.50 -13.61 7.66
N LYS A 248 -19.44 -14.22 6.95
CA LYS A 248 -19.16 -15.44 6.15
C LYS A 248 -18.70 -15.15 4.74
N GLU A 249 -18.94 -13.94 4.23
CA GLU A 249 -18.55 -13.59 2.86
C GLU A 249 -17.78 -12.24 2.86
N PRO A 250 -16.60 -12.19 3.46
CA PRO A 250 -15.82 -10.96 3.51
C PRO A 250 -15.53 -10.30 2.14
N GLU A 251 -15.45 -11.10 1.07
CA GLU A 251 -15.29 -10.60 -0.31
C GLU A 251 -16.35 -9.57 -0.78
N ILE A 252 -17.55 -9.54 -0.19
CA ILE A 252 -18.54 -8.56 -0.57
C ILE A 252 -18.38 -7.17 0.09
N THR A 253 -17.38 -6.99 0.93
CA THR A 253 -17.31 -5.81 1.77
C THR A 253 -17.14 -4.51 0.95
N GLY A 254 -16.30 -4.54 -0.08
CA GLY A 254 -16.10 -3.39 -0.99
C GLY A 254 -17.42 -2.89 -1.53
N ARG A 255 -18.22 -3.85 -2.00
CA ARG A 255 -19.49 -3.56 -2.63
C ARG A 255 -20.50 -3.05 -1.63
N ALA A 256 -20.49 -3.64 -0.43
CA ALA A 256 -21.34 -3.16 0.67
C ALA A 256 -20.98 -1.73 1.05
N VAL A 257 -19.71 -1.38 1.04
CA VAL A 257 -19.35 -0.01 1.40
C VAL A 257 -19.89 0.96 0.39
N GLU A 258 -19.75 0.62 -0.90
CA GLU A 258 -20.21 1.51 -1.96
C GLU A 258 -21.73 1.60 -1.93
N GLU A 259 -22.38 0.50 -1.55
CA GLU A 259 -23.82 0.52 -1.52
C GLU A 259 -24.31 1.39 -0.35
N MET A 260 -23.61 1.33 0.77
CA MET A 260 -23.90 2.23 1.88
C MET A 260 -23.66 3.71 1.51
N ILE A 261 -22.61 4.02 0.79
CA ILE A 261 -22.43 5.40 0.37
C ILE A 261 -23.57 5.86 -0.54
N ARG A 262 -24.02 5.02 -1.44
CA ARG A 262 -25.15 5.35 -2.33
C ARG A 262 -26.43 5.69 -1.55
N TYR A 263 -26.81 4.75 -0.70
CA TYR A 263 -28.05 4.81 -0.01
C TYR A 263 -28.02 5.91 1.02
N PHE A 264 -26.97 5.98 1.84
CA PHE A 264 -26.89 7.07 2.83
C PHE A 264 -26.57 8.45 2.28
N SER A 265 -25.82 8.50 1.19
CA SER A 265 -25.42 9.77 0.54
C SER A 265 -25.17 10.91 1.52
N PRO A 266 -24.17 10.71 2.40
CA PRO A 266 -23.92 11.61 3.53
C PRO A 266 -23.65 13.05 3.15
N LEU A 267 -23.16 13.31 1.95
CA LEU A 267 -23.21 14.69 1.43
C LEU A 267 -24.39 14.80 0.47
N THR A 268 -25.43 15.48 0.93
CA THR A 268 -26.72 15.51 0.24
C THR A 268 -26.63 16.17 -1.10
N GLN A 269 -25.93 17.29 -1.15
CA GLN A 269 -25.92 18.11 -2.37
C GLN A 269 -24.79 19.11 -2.30
N MET A 270 -24.48 19.69 -3.44
CA MET A 270 -23.49 20.71 -3.52
C MET A 270 -23.83 21.68 -4.63
N GLY A 271 -23.62 22.96 -4.39
CA GLY A 271 -23.97 23.94 -5.38
C GLY A 271 -22.96 24.11 -6.48
N ARG A 272 -23.43 24.78 -7.55
CA ARG A 272 -22.59 25.38 -8.57
C ARG A 272 -23.21 26.76 -8.92
N VAL A 273 -22.44 27.63 -9.57
CA VAL A 273 -22.94 28.92 -10.03
C VAL A 273 -23.10 28.87 -11.55
N VAL A 274 -24.28 29.26 -12.02
CA VAL A 274 -24.60 29.25 -13.47
C VAL A 274 -23.94 30.45 -14.16
N THR A 275 -23.25 30.25 -15.26
CA THR A 275 -22.44 31.32 -15.83
C THR A 275 -23.08 31.96 -17.04
N GLU A 276 -24.22 31.41 -17.48
CA GLU A 276 -24.87 31.83 -18.72
C GLU A 276 -26.29 31.25 -18.72
N ASP A 277 -27.22 31.91 -19.40
CA ASP A 277 -28.58 31.38 -19.53
C ASP A 277 -28.57 30.01 -20.25
N THR A 278 -29.21 29.02 -19.64
CA THR A 278 -29.55 27.75 -20.32
C THR A 278 -30.78 27.12 -19.61
N HIS A 279 -31.07 25.87 -19.96
CA HIS A 279 -32.19 25.09 -19.41
C HIS A 279 -31.72 23.72 -18.90
N VAL A 280 -32.42 23.19 -17.91
CA VAL A 280 -32.25 21.82 -17.46
C VAL A 280 -33.64 21.26 -17.17
N CYS A 281 -33.94 20.09 -17.76
CA CYS A 281 -35.29 19.55 -17.75
C CYS A 281 -36.31 20.53 -18.36
N GLU A 282 -35.93 21.25 -19.42
CA GLU A 282 -36.82 22.26 -20.05
C GLU A 282 -37.24 23.40 -19.10
N HIS A 283 -36.51 23.60 -17.99
CA HIS A 283 -36.77 24.67 -17.03
C HIS A 283 -35.61 25.65 -17.14
N ALA A 284 -35.92 26.94 -17.18
CA ALA A 284 -34.92 27.94 -17.49
C ALA A 284 -34.16 28.27 -16.23
N VAL A 285 -32.84 28.49 -16.38
CA VAL A 285 -32.02 28.99 -15.28
C VAL A 285 -31.19 30.16 -15.74
N LYS A 286 -31.29 31.22 -14.93
CA LYS A 286 -30.72 32.51 -15.25
C LYS A 286 -29.24 32.54 -14.81
N ALA A 287 -28.42 33.28 -15.56
CA ALA A 287 -27.01 33.48 -15.19
C ALA A 287 -26.85 34.11 -13.80
N ASP A 288 -25.74 33.77 -13.14
CA ASP A 288 -25.48 34.21 -11.76
C ASP A 288 -26.44 33.67 -10.73
N SER A 289 -27.32 32.71 -11.05
CA SER A 289 -28.06 32.01 -9.99
C SER A 289 -27.30 30.71 -9.64
N ARG A 290 -27.79 29.98 -8.65
CA ARG A 290 -27.19 28.73 -8.22
C ARG A 290 -28.02 27.51 -8.58
N ILE A 291 -27.37 26.43 -9.01
CA ILE A 291 -28.04 25.12 -9.04
C ILE A 291 -27.42 24.28 -7.96
N SER A 292 -28.05 23.15 -7.66
CA SER A 292 -27.43 22.15 -6.81
C SER A 292 -27.41 20.78 -7.51
N LEU A 293 -26.33 20.05 -7.28
CA LEU A 293 -26.18 18.66 -7.72
C LEU A 293 -26.62 17.82 -6.53
N CYS A 294 -27.84 17.30 -6.56
CA CYS A 294 -28.36 16.64 -5.38
C CYS A 294 -28.01 15.14 -5.52
N TRP A 295 -26.84 14.80 -5.00
CA TRP A 295 -26.31 13.44 -5.04
C TRP A 295 -27.30 12.45 -4.40
N ALA A 296 -27.95 12.86 -3.31
CA ALA A 296 -28.86 11.95 -2.59
C ALA A 296 -30.09 11.54 -3.43
N SER A 297 -30.66 12.47 -4.20
CA SER A 297 -31.72 12.15 -5.16
C SER A 297 -31.24 11.32 -6.36
N ALA A 298 -30.08 11.68 -6.93
CA ALA A 298 -29.55 10.97 -8.06
C ALA A 298 -29.31 9.49 -7.69
N ASN A 299 -28.96 9.22 -6.44
CA ASN A 299 -28.61 7.91 -5.99
C ASN A 299 -29.83 7.04 -5.64
N ARG A 300 -31.03 7.63 -5.76
CA ARG A 300 -32.29 6.87 -5.66
C ARG A 300 -33.06 6.79 -7.01
N ASP A 301 -32.52 7.37 -8.09
CA ASP A 301 -33.16 7.36 -9.39
C ASP A 301 -33.55 5.94 -9.87
N ALA A 302 -34.84 5.71 -10.12
CA ALA A 302 -35.31 4.36 -10.41
C ALA A 302 -35.10 3.96 -11.87
N ALA A 303 -34.68 4.90 -12.73
CA ALA A 303 -34.23 4.54 -14.07
C ALA A 303 -32.81 3.95 -14.07
N VAL A 304 -32.10 4.03 -12.92
CA VAL A 304 -30.71 3.60 -12.85
C VAL A 304 -30.45 2.48 -11.88
N PHE A 305 -31.09 2.49 -10.71
CA PHE A 305 -30.84 1.50 -9.70
C PHE A 305 -32.08 0.63 -9.50
N GLU A 306 -31.92 -0.68 -9.65
CA GLU A 306 -32.92 -1.63 -9.20
C GLU A 306 -33.02 -1.58 -7.69
N ASN A 307 -34.24 -1.70 -7.16
CA ASN A 307 -34.50 -1.66 -5.69
C ASN A 307 -33.78 -0.47 -5.07
N PRO A 308 -34.09 0.74 -5.53
CA PRO A 308 -33.26 1.87 -5.11
C PRO A 308 -33.42 2.25 -3.63
N ASN A 309 -34.56 1.92 -3.02
CA ASN A 309 -34.83 2.35 -1.66
C ASN A 309 -34.51 1.27 -0.66
N GLU A 310 -33.71 0.31 -1.11
CA GLU A 310 -33.19 -0.75 -0.26
C GLU A 310 -31.67 -0.75 -0.38
N ILE A 311 -31.03 -1.35 0.62
CA ILE A 311 -29.65 -1.67 0.56
C ILE A 311 -29.51 -3.09 0.01
N VAL A 312 -28.98 -3.20 -1.20
CA VAL A 312 -28.61 -4.48 -1.79
C VAL A 312 -27.11 -4.66 -1.52
N LEU A 313 -26.82 -5.49 -0.55
CA LEU A 313 -25.52 -5.55 0.09
C LEU A 313 -24.38 -5.87 -0.84
N ASP A 314 -24.63 -6.64 -1.88
CA ASP A 314 -23.57 -7.05 -2.79
C ASP A 314 -23.73 -6.45 -4.20
N ARG A 315 -24.41 -5.31 -4.31
CA ARG A 315 -24.71 -4.74 -5.62
C ARG A 315 -23.42 -4.58 -6.44
N LYS A 316 -23.35 -5.24 -7.60
CA LYS A 316 -22.22 -5.09 -8.53
C LYS A 316 -22.38 -3.87 -9.44
N VAL A 317 -23.59 -3.66 -9.90
CA VAL A 317 -23.84 -2.52 -10.79
C VAL A 317 -24.25 -1.29 -9.98
N ASN A 318 -23.32 -0.39 -9.73
CA ASN A 318 -23.57 0.70 -8.77
C ASN A 318 -22.81 1.94 -9.18
N PRO A 319 -23.31 2.64 -10.23
CA PRO A 319 -22.72 3.91 -10.70
C PRO A 319 -23.18 5.10 -9.84
N HIS A 320 -23.05 4.99 -8.51
CA HIS A 320 -23.53 6.05 -7.62
C HIS A 320 -22.65 7.31 -7.68
N VAL A 321 -23.21 8.41 -7.22
CA VAL A 321 -22.52 9.67 -7.19
C VAL A 321 -22.40 10.23 -5.76
N GLY A 322 -22.46 9.34 -4.76
CA GLY A 322 -22.17 9.68 -3.37
C GLY A 322 -20.86 10.39 -3.10
N PHE A 323 -19.82 10.13 -3.92
CA PHE A 323 -18.51 10.77 -3.86
C PHE A 323 -18.34 11.74 -5.03
N GLY A 324 -19.42 12.23 -5.58
CA GLY A 324 -19.34 13.19 -6.66
C GLY A 324 -19.18 12.52 -8.00
N PHE A 325 -18.84 13.31 -8.99
CA PHE A 325 -18.67 12.84 -10.36
C PHE A 325 -17.77 13.79 -11.11
N SER A 326 -16.91 13.23 -11.94
CA SER A 326 -15.98 13.95 -12.81
C SER A 326 -15.00 14.76 -11.97
N HIS A 327 -14.73 16.01 -12.36
CA HIS A 327 -13.54 16.75 -11.89
C HIS A 327 -13.34 16.79 -10.37
N HIS A 328 -14.37 17.14 -9.65
CA HIS A 328 -14.24 17.31 -8.20
C HIS A 328 -14.57 16.05 -7.40
N ASN A 329 -14.55 14.86 -8.02
CA ASN A 329 -14.89 13.67 -7.24
C ASN A 329 -14.04 13.58 -5.96
N CYS A 330 -14.67 13.10 -4.89
CA CYS A 330 -14.10 13.17 -3.53
C CYS A 330 -12.66 12.65 -3.37
N LEU A 331 -11.76 13.56 -2.97
CA LEU A 331 -10.37 13.18 -2.63
C LEU A 331 -10.24 12.34 -1.34
N GLY A 332 -11.15 12.53 -0.40
CA GLY A 332 -11.20 11.71 0.82
C GLY A 332 -11.78 10.31 0.65
N ALA A 333 -12.13 9.94 -0.58
CA ALA A 333 -12.90 8.73 -0.83
C ALA A 333 -12.15 7.48 -0.40
N THR A 334 -10.85 7.47 -0.68
CA THR A 334 -10.00 6.37 -0.31
C THR A 334 -9.89 6.18 1.23
N HIS A 335 -9.66 7.27 1.93
CA HIS A 335 -9.65 7.26 3.40
C HIS A 335 -10.96 6.72 3.98
N ALA A 336 -12.06 7.27 3.45
CA ALA A 336 -13.39 6.92 3.90
C ALA A 336 -13.72 5.46 3.66
N ARG A 337 -13.39 4.99 2.45
CA ARG A 337 -13.62 3.60 2.12
C ARG A 337 -12.87 2.64 3.04
N GLN A 338 -11.64 2.97 3.40
CA GLN A 338 -10.89 2.11 4.29
C GLN A 338 -11.50 2.08 5.69
N ILE A 339 -11.94 3.25 6.15
CA ILE A 339 -12.61 3.34 7.44
C ILE A 339 -13.78 2.35 7.47
N LEU A 340 -14.63 2.46 6.45
CA LEU A 340 -15.85 1.69 6.40
C LEU A 340 -15.66 0.20 6.13
N LYS A 341 -14.68 -0.18 5.27
CA LYS A 341 -14.40 -1.62 5.01
C LYS A 341 -13.93 -2.27 6.32
N ILE A 342 -13.00 -1.60 7.01
CA ILE A 342 -12.46 -2.09 8.28
C ILE A 342 -13.49 -2.10 9.42
N LEU A 343 -14.29 -1.05 9.54
CA LEU A 343 -15.37 -1.05 10.51
C LEU A 343 -16.34 -2.21 10.29
N LEU A 344 -16.83 -2.36 9.07
CA LEU A 344 -17.81 -3.44 8.81
C LEU A 344 -17.28 -4.84 9.17
N GLN A 345 -16.03 -5.10 8.82
CA GLN A 345 -15.37 -6.37 9.09
C GLN A 345 -15.10 -6.54 10.59
N THR A 346 -14.65 -5.49 11.27
CA THR A 346 -14.43 -5.56 12.70
C THR A 346 -15.73 -5.87 13.45
N LEU A 347 -16.82 -5.19 13.12
CA LEU A 347 -18.11 -5.48 13.71
C LEU A 347 -18.60 -6.92 13.42
N ALA A 348 -18.40 -7.39 12.20
CA ALA A 348 -18.83 -8.73 11.83
C ALA A 348 -18.06 -9.84 12.56
N GLN A 349 -16.78 -9.60 12.87
CA GLN A 349 -15.95 -10.60 13.53
C GLN A 349 -16.03 -10.55 15.08
N LYS A 350 -16.64 -9.51 15.66
CA LYS A 350 -16.65 -9.29 17.12
C LYS A 350 -18.03 -9.09 17.75
N VAL A 351 -19.01 -8.63 17.00
CA VAL A 351 -20.33 -8.34 17.54
C VAL A 351 -21.34 -9.37 16.99
N ALA A 352 -22.20 -9.87 17.89
CA ALA A 352 -23.22 -10.85 17.53
C ALA A 352 -24.53 -10.16 17.15
N SER A 353 -24.87 -9.07 17.83
CA SER A 353 -26.11 -8.35 17.53
C SER A 353 -26.08 -7.01 18.18
N PHE A 354 -27.06 -6.16 17.87
CA PHE A 354 -27.19 -4.84 18.47
C PHE A 354 -28.65 -4.60 18.87
N GLU A 355 -28.89 -3.58 19.69
CA GLU A 355 -30.24 -3.08 19.92
C GLU A 355 -30.16 -1.57 20.00
N ILE A 356 -31.04 -0.91 19.27
CA ILE A 356 -31.17 0.52 19.34
C ILE A 356 -32.11 0.89 20.47
N LEU A 357 -31.61 1.69 21.42
CA LEU A 357 -32.32 1.99 22.67
C LEU A 357 -33.06 3.33 22.69
N ASP A 358 -32.60 4.33 21.94
CA ASP A 358 -33.20 5.65 21.94
C ASP A 358 -32.45 6.53 20.98
N TYR A 359 -33.14 7.43 20.29
CA TYR A 359 -32.48 8.20 19.26
C TYR A 359 -33.19 9.50 18.97
N LYS A 360 -32.51 10.41 18.29
CA LYS A 360 -33.15 11.57 17.71
C LYS A 360 -32.55 11.80 16.32
N GLU A 361 -33.42 11.98 15.34
CA GLU A 361 -33.04 12.11 13.95
C GLU A 361 -32.47 13.47 13.64
N ASN A 362 -31.49 13.49 12.74
CA ASN A 362 -30.96 14.74 12.18
C ASN A 362 -31.61 14.91 10.83
N ILE A 363 -32.51 15.89 10.73
CA ILE A 363 -33.25 16.18 9.53
C ILE A 363 -32.71 17.44 8.93
N GLU A 364 -32.38 17.38 7.66
CA GLU A 364 -31.90 18.55 6.92
C GLU A 364 -33.10 19.30 6.41
N ASP A 365 -33.17 20.58 6.78
CA ASP A 365 -34.24 21.45 6.35
C ASP A 365 -33.86 22.00 4.97
N LEU A 366 -34.50 21.45 3.93
CA LEU A 366 -34.27 21.86 2.55
C LEU A 366 -35.52 22.46 1.94
N ASP A 367 -36.21 23.30 2.72
CA ASP A 367 -37.44 24.01 2.32
C ASP A 367 -38.60 23.02 2.06
N HIS A 368 -38.96 22.75 0.81
CA HIS A 368 -40.05 21.81 0.53
C HIS A 368 -39.65 20.34 0.84
N PHE A 369 -38.35 20.10 1.04
CA PHE A 369 -37.88 18.76 1.34
C PHE A 369 -37.24 18.71 2.70
N GLN A 370 -37.53 17.61 3.39
CA GLN A 370 -37.03 17.39 4.72
C GLN A 370 -36.34 16.03 4.63
N ARG A 371 -35.04 16.01 4.86
CA ARG A 371 -34.20 14.84 4.55
C ARG A 371 -33.47 14.29 5.73
N LYS A 372 -33.82 13.08 6.13
CA LYS A 372 -33.04 12.42 7.14
C LYS A 372 -31.64 12.10 6.61
N VAL A 373 -30.62 12.68 7.24
CA VAL A 373 -29.21 12.43 6.89
C VAL A 373 -28.55 11.50 7.88
N GLY A 374 -29.18 11.29 9.04
CA GLY A 374 -28.63 10.47 10.11
C GLY A 374 -29.28 10.77 11.45
N PHE A 375 -28.47 10.77 12.51
CA PHE A 375 -28.92 10.95 13.89
C PHE A 375 -28.11 12.01 14.62
N HIS A 376 -28.78 12.83 15.46
CA HIS A 376 -28.11 13.73 16.38
C HIS A 376 -27.54 12.89 17.51
N ASN A 377 -28.27 11.86 17.88
CA ASN A 377 -27.78 10.90 18.86
C ASN A 377 -28.51 9.57 18.68
N ILE A 378 -27.90 8.47 19.09
CA ILE A 378 -28.54 7.17 19.01
C ILE A 378 -27.79 6.28 19.94
N GLN A 379 -28.51 5.66 20.88
CA GLN A 379 -27.90 4.82 21.90
C GLN A 379 -28.00 3.42 21.39
N ILE A 380 -26.90 2.69 21.40
CA ILE A 380 -26.91 1.35 20.88
C ILE A 380 -26.13 0.43 21.78
N LYS A 381 -26.67 -0.77 21.97
CA LYS A 381 -26.08 -1.79 22.79
C LYS A 381 -25.34 -2.72 21.85
N PHE A 382 -24.10 -3.08 22.17
CA PHE A 382 -23.33 -4.00 21.36
C PHE A 382 -23.21 -5.28 22.17
N ASN A 383 -23.73 -6.41 21.69
CA ASN A 383 -23.60 -7.69 22.42
C ASN A 383 -22.46 -8.52 21.81
N PRO A 384 -21.62 -9.15 22.63
CA PRO A 384 -20.40 -9.79 22.16
C PRO A 384 -20.57 -11.18 21.51
N LEU A 385 -19.69 -11.53 20.58
CA LEU A 385 -19.55 -12.92 20.15
C LEU A 385 -18.65 -13.66 21.14
N LYS B 2 22.59 -26.33 15.64
CA LYS B 2 23.49 -26.89 14.60
C LYS B 2 22.83 -26.82 13.22
N LYS B 3 21.55 -27.20 13.07
CA LYS B 3 21.01 -27.35 11.69
C LYS B 3 20.73 -26.02 10.98
N SER B 4 20.29 -25.01 11.72
CA SER B 4 20.15 -23.64 11.20
C SER B 4 21.41 -22.79 11.35
N GLU B 5 22.51 -23.42 11.72
CA GLU B 5 23.76 -22.72 11.92
C GLU B 5 24.49 -22.71 10.61
N LEU B 6 24.90 -21.52 10.21
CA LEU B 6 25.74 -21.27 9.04
C LEU B 6 27.02 -20.67 9.57
N PRO B 7 28.10 -21.48 9.63
CA PRO B 7 29.35 -20.98 10.13
C PRO B 7 29.92 -19.95 9.18
N ASP B 8 30.86 -19.17 9.69
CA ASP B 8 31.54 -18.13 8.93
C ASP B 8 32.92 -18.64 8.52
N PRO B 9 33.05 -19.18 7.30
CA PRO B 9 34.36 -19.65 6.87
C PRO B 9 35.40 -18.56 6.59
N PHE B 10 34.97 -17.30 6.55
CA PHE B 10 35.84 -16.18 6.12
C PHE B 10 36.56 -15.48 7.26
N GLU B 11 36.39 -15.97 8.48
CA GLU B 11 36.89 -15.31 9.69
C GLU B 11 38.39 -15.03 9.76
N LYS B 12 39.21 -16.08 9.63
CA LYS B 12 40.65 -15.93 9.67
C LYS B 12 41.05 -14.97 8.58
N ALA B 13 40.64 -15.20 7.37
CA ALA B 13 41.07 -14.33 6.27
C ALA B 13 40.67 -12.84 6.43
N ARG B 14 39.43 -12.61 6.92
CA ARG B 14 38.91 -11.26 7.12
C ARG B 14 39.75 -10.49 8.13
N GLU B 15 40.05 -11.15 9.24
CA GLU B 15 40.78 -10.51 10.33
C GLU B 15 42.29 -10.34 10.04
N SER B 16 42.92 -11.28 9.31
CA SER B 16 44.35 -11.16 8.98
C SER B 16 44.65 -10.28 7.75
N LYS B 17 44.20 -10.66 6.55
CA LYS B 17 44.53 -9.90 5.31
C LYS B 17 43.38 -9.00 4.80
N GLY B 18 42.14 -9.40 5.07
CA GLY B 18 40.95 -8.65 4.63
C GLY B 18 40.44 -9.03 3.24
N TYR B 19 41.07 -10.04 2.62
CA TYR B 19 40.64 -10.56 1.33
C TYR B 19 40.99 -12.03 1.19
N GLY B 20 40.42 -12.64 0.16
CA GLY B 20 40.59 -14.05 -0.12
C GLY B 20 40.73 -14.17 -1.62
N GLU B 21 40.98 -15.39 -2.09
CA GLU B 21 41.02 -15.63 -3.50
C GLU B 21 40.36 -16.92 -3.83
N MET B 22 39.69 -16.90 -4.97
CA MET B 22 39.15 -18.10 -5.58
C MET B 22 39.32 -18.09 -7.12
N ASN B 23 39.39 -19.29 -7.71
CA ASN B 23 39.43 -19.45 -9.16
C ASN B 23 38.01 -19.78 -9.63
N ASP B 24 37.67 -19.32 -10.82
CA ASP B 24 36.41 -19.60 -11.43
C ASP B 24 36.58 -19.37 -12.93
N GLN B 25 36.67 -20.48 -13.68
CA GLN B 25 36.70 -20.45 -15.15
C GLN B 25 37.77 -19.50 -15.75
N ASP B 26 39.01 -19.62 -15.24
CA ASP B 26 40.18 -18.89 -15.79
C ASP B 26 40.07 -17.37 -15.62
N ASP B 27 39.16 -16.94 -14.74
CA ASP B 27 38.90 -15.53 -14.49
C ASP B 27 38.95 -15.31 -12.98
N PRO B 28 40.14 -15.22 -12.42
CA PRO B 28 40.22 -15.37 -10.97
C PRO B 28 39.68 -14.15 -10.20
N VAL B 29 39.34 -14.39 -8.93
CA VAL B 29 38.58 -13.45 -8.12
C VAL B 29 39.32 -13.14 -6.82
N THR B 30 39.50 -11.85 -6.57
CA THR B 30 39.88 -11.33 -5.26
C THR B 30 38.63 -10.92 -4.40
N MET B 31 38.31 -11.71 -3.40
CA MET B 31 37.14 -11.52 -2.54
C MET B 31 37.35 -10.49 -1.43
N LEU B 32 36.59 -9.41 -1.39
CA LEU B 32 36.68 -8.45 -0.29
C LEU B 32 35.80 -8.86 0.88
N LEU B 33 36.34 -8.85 2.10
CA LEU B 33 35.71 -9.54 3.21
C LEU B 33 35.30 -8.64 4.40
N ARG B 34 35.86 -7.44 4.50
CA ARG B 34 35.48 -6.53 5.59
C ARG B 34 34.31 -5.63 5.22
N HIS B 35 33.35 -5.48 6.14
CA HIS B 35 32.24 -4.55 5.99
C HIS B 35 32.61 -3.17 5.39
N LYS B 36 33.64 -2.52 5.93
CA LYS B 36 34.07 -1.14 5.53
C LYS B 36 34.47 -1.09 4.08
N ASP B 37 35.19 -2.12 3.65
CA ASP B 37 35.75 -2.19 2.31
C ASP B 37 34.72 -2.59 1.30
N VAL B 38 33.83 -3.49 1.72
CA VAL B 38 32.69 -3.88 0.89
C VAL B 38 31.78 -2.68 0.58
N ARG B 39 31.49 -1.90 1.59
CA ARG B 39 30.71 -0.69 1.38
C ARG B 39 31.44 0.31 0.49
N LYS B 40 32.68 0.65 0.81
CA LYS B 40 33.41 1.70 0.03
C LYS B 40 33.53 1.24 -1.44
N SER B 41 33.82 -0.04 -1.68
CA SER B 41 33.93 -0.56 -3.05
C SER B 41 32.60 -0.67 -3.79
N ALA B 42 31.53 -1.09 -3.10
CA ALA B 42 30.16 -1.04 -3.69
C ALA B 42 29.74 0.34 -4.13
N HIS B 43 30.09 1.35 -3.38
CA HIS B 43 29.78 2.74 -3.74
C HIS B 43 30.64 3.28 -4.90
N ASN B 44 31.82 2.69 -5.12
CA ASN B 44 32.78 3.22 -6.08
C ASN B 44 32.68 2.44 -7.38
N TYR B 45 31.68 2.81 -8.19
CA TYR B 45 31.34 2.10 -9.43
C TYR B 45 32.30 2.40 -10.57
N LYS B 46 33.01 3.54 -10.47
CA LYS B 46 33.98 3.95 -11.49
C LYS B 46 35.14 2.98 -11.49
N THR B 47 35.71 2.71 -10.32
CA THR B 47 36.78 1.75 -10.20
C THR B 47 36.25 0.28 -10.28
N PHE B 48 35.13 -0.01 -9.59
CA PHE B 48 34.57 -1.37 -9.58
C PHE B 48 33.20 -1.43 -10.29
N GLN B 49 33.27 -1.77 -11.58
CA GLN B 49 32.14 -1.56 -12.48
C GLN B 49 31.25 -2.81 -12.51
N SER B 50 29.97 -2.59 -12.82
CA SER B 50 28.99 -3.67 -13.10
C SER B 50 28.73 -3.82 -14.60
N GLY B 51 29.06 -2.78 -15.36
CA GLY B 51 28.80 -2.72 -16.80
C GLY B 51 29.76 -3.48 -17.66
N ALA B 52 29.96 -4.75 -17.32
CA ALA B 52 30.88 -5.60 -18.03
C ALA B 52 30.18 -6.42 -19.12
N VAL B 53 30.95 -7.28 -19.77
CA VAL B 53 30.41 -8.29 -20.65
C VAL B 53 29.36 -9.09 -19.86
N PRO B 54 28.16 -9.24 -20.44
CA PRO B 54 27.08 -9.88 -19.70
C PRO B 54 27.49 -11.22 -19.13
N GLY B 55 27.13 -11.48 -17.89
CA GLY B 55 27.49 -12.73 -17.23
C GLY B 55 28.77 -12.67 -16.40
N ARG B 56 29.58 -11.66 -16.66
CA ARG B 56 30.91 -11.68 -16.09
C ARG B 56 30.97 -11.39 -14.60
N ILE B 57 30.10 -10.49 -14.11
CA ILE B 57 30.15 -10.14 -12.69
C ILE B 57 29.54 -11.21 -11.77
N VAL B 58 28.88 -12.22 -12.33
CA VAL B 58 28.36 -13.30 -11.50
C VAL B 58 29.49 -14.29 -11.17
N ILE B 59 29.28 -15.03 -10.09
CA ILE B 59 30.19 -16.06 -9.63
C ILE B 59 29.37 -17.30 -9.19
N PRO B 60 29.43 -18.39 -9.96
CA PRO B 60 30.27 -18.55 -11.17
C PRO B 60 29.88 -17.71 -12.38
N SER B 61 30.89 -17.21 -13.12
CA SER B 61 30.67 -16.48 -14.37
C SER B 61 29.72 -17.21 -15.28
N GLU B 62 28.92 -16.43 -15.99
CA GLU B 62 27.85 -16.91 -16.85
C GLU B 62 28.07 -16.41 -18.28
N VAL B 63 29.25 -15.88 -18.62
CA VAL B 63 29.54 -15.45 -20.01
C VAL B 63 29.28 -16.53 -21.09
N ASP B 64 29.42 -17.79 -20.72
CA ASP B 64 29.28 -18.88 -21.68
C ASP B 64 27.84 -19.32 -21.85
N ILE B 65 26.95 -18.83 -21.02
CA ILE B 65 25.56 -19.24 -20.94
C ILE B 65 24.59 -18.20 -21.47
N ARG B 66 25.00 -16.93 -21.58
CA ARG B 66 24.06 -15.91 -22.03
C ARG B 66 24.75 -14.71 -22.60
N ASP B 67 24.07 -14.01 -23.51
CA ASP B 67 24.59 -12.81 -24.13
C ASP B 67 23.77 -11.58 -23.76
N THR B 68 22.56 -11.72 -23.20
CA THR B 68 21.72 -10.54 -22.85
C THR B 68 22.10 -9.82 -21.56
N ARG B 69 22.34 -8.51 -21.68
CA ARG B 69 22.72 -7.66 -20.58
C ARG B 69 21.55 -7.51 -19.59
N GLN B 70 21.79 -7.81 -18.31
CA GLN B 70 20.72 -7.67 -17.34
C GLN B 70 20.62 -6.25 -16.84
N ILE B 71 19.40 -5.83 -16.54
CA ILE B 71 19.07 -4.43 -16.25
C ILE B 71 18.20 -4.31 -15.00
N PRO B 72 18.62 -3.53 -13.98
CA PRO B 72 19.78 -2.61 -14.03
C PRO B 72 21.09 -3.19 -13.55
N PHE B 73 21.08 -4.48 -13.23
CA PHE B 73 22.18 -5.22 -12.62
C PHE B 73 23.57 -5.07 -13.27
N GLU B 74 23.62 -5.07 -14.60
CA GLU B 74 24.87 -5.01 -15.36
C GLU B 74 24.96 -3.68 -16.08
N VAL B 75 24.57 -2.61 -15.40
CA VAL B 75 24.64 -1.27 -15.97
C VAL B 75 25.21 -0.31 -14.91
N ASP B 76 26.02 0.61 -15.39
CA ASP B 76 26.66 1.58 -14.55
C ASP B 76 25.99 2.91 -14.69
N PRO B 77 26.12 3.76 -13.67
CA PRO B 77 25.70 5.15 -13.84
C PRO B 77 26.50 5.80 -14.96
N PRO B 78 25.98 6.85 -15.58
CA PRO B 78 24.66 7.47 -15.27
C PRO B 78 23.43 6.78 -15.86
N VAL B 79 23.64 5.86 -16.78
CA VAL B 79 22.57 5.12 -17.42
C VAL B 79 21.75 4.29 -16.38
N HIS B 80 22.44 3.72 -15.40
CA HIS B 80 21.81 2.88 -14.33
C HIS B 80 20.67 3.63 -13.66
N GLY B 81 20.87 4.92 -13.35
CA GLY B 81 19.83 5.67 -12.62
C GLY B 81 18.54 5.87 -13.37
N VAL B 82 18.66 6.01 -14.70
CA VAL B 82 17.50 6.13 -15.58
C VAL B 82 16.64 4.82 -15.56
N TYR B 83 17.23 3.67 -15.81
CA TYR B 83 16.45 2.39 -15.74
C TYR B 83 15.91 2.17 -14.33
N ARG B 84 16.69 2.55 -13.33
CA ARG B 84 16.31 2.35 -11.97
C ARG B 84 15.06 3.17 -11.64
N ALA B 85 14.99 4.42 -12.11
CA ALA B 85 13.80 5.29 -11.92
C ALA B 85 12.57 4.73 -12.60
N ILE B 86 12.78 4.06 -13.73
CA ILE B 86 11.69 3.42 -14.45
C ILE B 86 11.08 2.27 -13.64
N VAL B 87 11.91 1.40 -13.07
CA VAL B 87 11.37 0.16 -12.51
C VAL B 87 11.13 0.23 -10.99
N GLU B 88 11.63 1.25 -10.32
CA GLU B 88 11.53 1.28 -8.88
C GLU B 88 10.11 1.37 -8.33
N PRO B 89 9.21 2.15 -8.97
CA PRO B 89 7.83 2.15 -8.45
C PRO B 89 7.15 0.79 -8.57
N TRP B 90 7.44 0.05 -9.64
CA TRP B 90 6.89 -1.27 -9.84
C TRP B 90 7.26 -2.19 -8.67
N PHE B 91 8.53 -2.15 -8.28
CA PHE B 91 9.07 -2.96 -7.20
C PHE B 91 8.65 -2.54 -5.79
N LYS B 92 8.14 -1.33 -5.63
CA LYS B 92 7.60 -0.85 -4.36
C LYS B 92 6.13 -1.23 -4.15
N ARG B 93 5.49 -1.81 -5.16
CA ARG B 93 4.08 -2.23 -5.01
C ARG B 93 3.78 -3.19 -3.86
N PRO B 94 4.73 -3.97 -3.36
CA PRO B 94 4.35 -4.86 -2.23
C PRO B 94 4.04 -4.12 -0.93
N LEU B 95 4.24 -2.81 -0.94
CA LEU B 95 3.85 -1.97 0.22
C LEU B 95 2.34 -1.72 0.36
N GLN B 96 1.58 -2.06 -0.69
CA GLN B 96 0.14 -1.84 -0.82
CA GLN B 96 0.17 -1.77 -0.69
C GLN B 96 -0.62 -2.85 0.04
N ALA B 97 -1.73 -2.43 0.65
CA ALA B 97 -2.52 -3.32 1.51
C ALA B 97 -3.12 -4.46 0.72
N GLU B 98 -3.64 -4.17 -0.48
CA GLU B 98 -4.30 -5.20 -1.26
C GLU B 98 -3.29 -6.32 -1.63
N TYR B 99 -2.08 -5.93 -2.01
CA TYR B 99 -1.00 -6.89 -2.31
C TYR B 99 -0.67 -7.77 -1.12
N GLN B 100 -0.43 -7.16 0.04
CA GLN B 100 -0.17 -7.90 1.25
C GLN B 100 -1.31 -8.82 1.70
N GLU B 101 -2.58 -8.45 1.46
CA GLU B 101 -3.73 -9.35 1.79
C GLU B 101 -3.70 -10.64 0.97
N LYS B 102 -3.46 -10.49 -0.33
CA LYS B 102 -3.38 -11.65 -1.20
C LYS B 102 -2.22 -12.57 -0.81
N LEU B 103 -1.11 -11.94 -0.44
CA LEU B 103 0.07 -12.67 -0.06
C LEU B 103 -0.13 -13.37 1.31
N THR B 104 -0.82 -12.70 2.22
CA THR B 104 -1.19 -13.29 3.48
C THR B 104 -2.05 -14.52 3.22
N ALA B 105 -3.03 -14.37 2.33
CA ALA B 105 -3.92 -15.50 1.98
C ALA B 105 -3.15 -16.69 1.38
N GLN B 106 -2.22 -16.44 0.42
CA GLN B 106 -1.35 -17.49 -0.11
C GLN B 106 -0.55 -18.21 0.98
N ILE B 107 -0.01 -17.45 1.92
CA ILE B 107 0.94 -18.01 2.86
C ILE B 107 0.19 -18.78 3.98
N SER B 108 -0.93 -18.21 4.39
CA SER B 108 -1.86 -18.87 5.27
C SER B 108 -2.25 -20.27 4.70
N GLU B 109 -2.70 -20.27 3.44
CA GLU B 109 -3.09 -21.49 2.72
C GLU B 109 -1.99 -22.56 2.70
N ILE B 110 -0.78 -22.19 2.31
CA ILE B 110 0.33 -23.15 2.28
C ILE B 110 0.73 -23.66 3.68
N VAL B 111 0.68 -22.80 4.68
CA VAL B 111 0.92 -23.28 6.03
C VAL B 111 -0.18 -24.29 6.48
N GLU B 112 -1.45 -23.98 6.22
CA GLU B 112 -2.58 -24.86 6.61
C GLU B 112 -2.54 -26.22 5.91
N GLU B 113 -2.34 -26.23 4.59
CA GLU B 113 -2.08 -27.46 3.87
C GLU B 113 -0.85 -28.26 4.37
N THR B 114 0.21 -27.59 4.77
CA THR B 114 1.35 -28.27 5.38
C THR B 114 0.99 -28.89 6.78
N LEU B 115 0.09 -28.25 7.53
CA LEU B 115 -0.41 -28.82 8.77
C LEU B 115 -1.23 -30.09 8.56
N LEU B 116 -2.04 -30.17 7.49
CA LEU B 116 -2.69 -31.43 7.07
C LEU B 116 -1.73 -32.54 6.64
N LYS B 117 -0.70 -32.23 5.84
CA LYS B 117 0.27 -33.24 5.42
C LYS B 117 1.05 -33.74 6.61
N GLY B 118 1.26 -32.88 7.60
CA GLY B 118 2.05 -33.19 8.79
C GLY B 118 3.54 -32.94 8.58
N SER B 119 4.09 -33.47 7.48
CA SER B 119 5.50 -33.47 7.21
C SER B 119 5.75 -33.21 5.72
N VAL B 120 6.71 -32.32 5.41
CA VAL B 120 7.02 -31.97 4.00
C VAL B 120 8.48 -31.77 3.75
N GLU B 121 8.88 -31.91 2.51
CA GLU B 121 10.20 -31.54 2.11
C GLU B 121 10.15 -30.02 1.85
N VAL B 122 10.74 -29.24 2.75
CA VAL B 122 10.58 -27.79 2.76
C VAL B 122 11.08 -27.08 1.48
N VAL B 123 12.23 -27.46 0.96
CA VAL B 123 12.79 -26.78 -0.20
C VAL B 123 11.86 -26.77 -1.42
N THR B 124 11.39 -27.95 -1.83
CA THR B 124 10.50 -28.10 -3.02
C THR B 124 8.99 -27.97 -2.72
N ASP B 125 8.50 -28.66 -1.71
CA ASP B 125 7.05 -28.67 -1.45
C ASP B 125 6.56 -27.42 -0.74
N PHE B 126 7.46 -26.67 -0.10
CA PHE B 126 7.02 -25.48 0.65
C PHE B 126 7.66 -24.18 0.08
N ALA B 127 8.97 -24.07 0.09
CA ALA B 127 9.67 -22.83 -0.32
C ALA B 127 9.47 -22.44 -1.77
N LEU B 128 9.68 -23.41 -2.66
CA LEU B 128 9.47 -23.24 -4.10
C LEU B 128 8.04 -22.88 -4.45
N ARG B 129 7.06 -23.51 -3.80
CA ARG B 129 5.65 -23.12 -4.00
C ARG B 129 5.34 -21.69 -3.52
N LEU B 130 5.73 -21.36 -2.31
CA LEU B 130 5.48 -20.04 -1.78
C LEU B 130 6.17 -18.95 -2.70
N GLN B 131 7.42 -19.17 -3.07
CA GLN B 131 8.17 -18.24 -3.93
C GLN B 131 7.52 -17.99 -5.31
N SER B 132 7.18 -19.10 -6.00
CA SER B 132 6.50 -19.04 -7.28
C SER B 132 5.10 -18.38 -7.21
N ARG B 133 4.33 -18.72 -6.17
CA ARG B 133 3.05 -18.08 -6.04
C ARG B 133 3.18 -16.57 -5.74
N ALA B 134 4.08 -16.22 -4.85
CA ALA B 134 4.24 -14.81 -4.50
C ALA B 134 4.72 -14.01 -5.72
N LEU B 135 5.41 -14.65 -6.65
CA LEU B 135 5.95 -13.95 -7.81
C LEU B 135 4.85 -13.52 -8.80
N THR B 136 3.70 -14.20 -8.77
CA THR B 136 2.54 -13.81 -9.61
C THR B 136 1.98 -12.43 -9.22
N LEU B 137 2.08 -12.10 -7.93
CA LEU B 137 1.69 -10.78 -7.44
C LEU B 137 2.65 -9.69 -7.90
N LEU B 138 3.95 -9.94 -7.81
CA LEU B 138 4.94 -8.95 -8.22
C LEU B 138 4.83 -8.66 -9.71
N LEU B 139 4.67 -9.74 -10.48
CA LEU B 139 4.53 -9.67 -11.92
C LEU B 139 3.12 -9.26 -12.40
N ASN B 140 2.12 -9.43 -11.53
CA ASN B 140 0.71 -9.17 -11.82
C ASN B 140 0.24 -9.98 -13.00
N THR B 141 0.59 -11.28 -12.97
CA THR B 141 0.12 -12.28 -13.91
C THR B 141 -0.95 -13.12 -13.21
N PRO B 142 -1.71 -13.89 -13.98
CA PRO B 142 -2.61 -14.83 -13.34
C PRO B 142 -1.91 -15.80 -12.37
N PHE B 143 -2.50 -16.03 -11.21
CA PHE B 143 -1.98 -17.02 -10.25
C PHE B 143 -1.51 -18.35 -10.87
N SER B 144 -2.22 -18.85 -11.86
CA SER B 144 -1.92 -20.19 -12.43
C SER B 144 -0.57 -20.27 -13.13
N GLU B 145 0.01 -19.12 -13.48
CA GLU B 145 1.33 -19.11 -14.11
C GLU B 145 2.41 -19.71 -13.18
N SER B 146 2.15 -19.66 -11.85
CA SER B 146 3.02 -20.27 -10.84
C SER B 146 3.31 -21.77 -11.08
N GLU B 147 2.35 -22.50 -11.66
CA GLU B 147 2.50 -23.95 -11.96
C GLU B 147 3.57 -24.20 -12.98
N THR B 148 3.65 -23.35 -13.99
CA THR B 148 4.78 -23.42 -14.89
C THR B 148 6.11 -23.29 -14.13
N TRP B 149 6.22 -22.27 -13.29
CA TRP B 149 7.47 -21.99 -12.59
C TRP B 149 7.80 -23.12 -11.60
N ILE B 150 6.79 -23.63 -10.93
CA ILE B 150 7.01 -24.76 -10.05
C ILE B 150 7.54 -26.00 -10.78
N SER B 151 6.98 -26.29 -11.96
CA SER B 151 7.43 -27.43 -12.81
C SER B 151 8.90 -27.38 -13.20
N TRP B 152 9.45 -26.19 -13.39
CA TRP B 152 10.88 -26.08 -13.63
C TRP B 152 11.77 -26.71 -12.54
N GLY B 153 11.33 -26.71 -11.28
CA GLY B 153 12.13 -27.29 -10.20
C GLY B 153 13.29 -26.39 -9.80
N ALA B 163 27.62 -27.72 -11.85
CA ALA B 163 28.23 -27.09 -13.02
C ALA B 163 27.17 -26.37 -13.88
N LEU B 164 27.56 -25.22 -14.44
CA LEU B 164 26.64 -24.32 -15.19
C LEU B 164 26.15 -25.03 -16.48
N ASP B 165 24.82 -25.07 -16.68
CA ASP B 165 24.20 -25.78 -17.81
C ASP B 165 23.36 -24.80 -18.68
N GLY B 166 23.80 -24.56 -19.92
CA GLY B 166 23.15 -23.58 -20.86
C GLY B 166 21.91 -24.05 -21.60
N ASP B 167 21.74 -25.37 -21.74
CA ASP B 167 20.48 -25.96 -22.19
C ASP B 167 19.36 -25.65 -21.19
N LYS B 168 19.66 -25.72 -19.89
CA LYS B 168 18.65 -25.47 -18.82
C LYS B 168 18.36 -23.95 -18.57
N ALA B 169 19.33 -23.07 -18.82
CA ALA B 169 19.07 -21.61 -18.75
C ALA B 169 18.18 -21.14 -19.90
N ASN B 170 18.41 -21.72 -21.08
CA ASN B 170 17.61 -21.39 -22.26
C ASN B 170 16.13 -21.63 -22.10
N ILE B 171 15.76 -22.57 -21.22
CA ILE B 171 14.38 -22.80 -20.93
C ILE B 171 13.78 -21.51 -20.38
N LEU B 172 14.47 -20.88 -19.43
CA LEU B 172 14.03 -19.59 -18.92
C LEU B 172 14.10 -18.49 -19.98
N TYR B 173 15.18 -18.42 -20.74
CA TYR B 173 15.35 -17.27 -21.64
C TYR B 173 14.31 -17.29 -22.76
N HIS B 174 14.01 -18.49 -23.26
CA HIS B 174 13.00 -18.63 -24.31
C HIS B 174 11.59 -18.41 -23.78
N TYR B 175 11.31 -18.86 -22.56
CA TYR B 175 10.02 -18.58 -21.94
C TYR B 175 9.80 -17.06 -21.83
N ILE B 176 10.84 -16.32 -21.46
CA ILE B 176 10.76 -14.87 -21.31
C ILE B 176 10.51 -14.24 -22.68
N ASP B 177 11.30 -14.61 -23.69
CA ASP B 177 11.07 -14.19 -25.11
C ASP B 177 9.59 -14.40 -25.51
N GLU B 178 9.02 -15.56 -25.13
CA GLU B 178 7.63 -15.86 -25.47
C GLU B 178 6.63 -14.94 -24.77
N GLN B 179 6.80 -14.72 -23.45
CA GLN B 179 5.93 -13.77 -22.76
C GLN B 179 6.06 -12.33 -23.28
N ILE B 180 7.26 -11.92 -23.69
CA ILE B 180 7.46 -10.55 -24.22
C ILE B 180 6.64 -10.42 -25.49
N ASP B 181 6.72 -11.43 -26.34
CA ASP B 181 5.93 -11.47 -27.60
C ASP B 181 4.43 -11.49 -27.35
N ARG B 182 3.94 -12.31 -26.42
CA ARG B 182 2.53 -12.29 -26.03
C ARG B 182 2.08 -10.92 -25.56
N ALA B 183 2.89 -10.24 -24.76
CA ALA B 183 2.49 -8.94 -24.25
C ALA B 183 2.55 -7.83 -25.34
N SER B 184 3.44 -7.94 -26.33
CA SER B 184 3.39 -6.97 -27.47
C SER B 184 2.14 -7.16 -28.33
N GLU B 185 1.72 -8.41 -28.56
CA GLU B 185 0.47 -8.66 -29.33
C GLU B 185 -0.74 -8.16 -28.56
N ASN B 186 -0.83 -8.48 -27.27
CA ASN B 186 -2.04 -8.19 -26.45
C ASN B 186 -1.78 -7.42 -25.14
N PRO B 187 -1.46 -6.11 -25.24
CA PRO B 187 -1.01 -5.39 -24.04
C PRO B 187 -1.99 -5.44 -22.88
N GLY B 188 -1.49 -5.72 -21.67
CA GLY B 188 -2.31 -5.73 -20.47
C GLY B 188 -1.68 -4.98 -19.31
N ASP B 189 -1.77 -5.59 -18.13
CA ASP B 189 -1.44 -4.96 -16.85
C ASP B 189 -0.27 -5.61 -16.16
N ASP B 190 0.31 -6.64 -16.79
CA ASP B 190 1.41 -7.40 -16.22
C ASP B 190 2.73 -6.65 -16.43
N MET B 191 3.79 -7.07 -15.75
CA MET B 191 5.03 -6.34 -15.73
C MET B 191 5.63 -6.16 -17.15
N TYR B 192 5.53 -7.21 -17.98
CA TYR B 192 5.97 -7.18 -19.35
C TYR B 192 5.37 -6.00 -20.10
N SER B 193 4.05 -5.88 -20.00
CA SER B 193 3.30 -4.80 -20.68
C SER B 193 3.66 -3.40 -20.18
N VAL B 194 3.80 -3.26 -18.88
CA VAL B 194 4.24 -2.00 -18.30
C VAL B 194 5.66 -1.59 -18.74
N LEU B 195 6.58 -2.56 -18.80
CA LEU B 195 7.93 -2.27 -19.26
C LEU B 195 7.94 -1.87 -20.76
N LEU B 196 7.14 -2.56 -21.58
CA LEU B 196 7.08 -2.28 -23.03
C LEU B 196 6.51 -0.92 -23.33
N ASN B 197 5.71 -0.39 -22.41
CA ASN B 197 5.19 0.95 -22.52
C ASN B 197 6.01 2.02 -21.77
N SER B 198 7.12 1.65 -21.15
CA SER B 198 7.91 2.64 -20.42
C SER B 198 8.89 3.36 -21.35
N GLU B 199 9.38 4.49 -20.89
CA GLU B 199 10.29 5.34 -21.67
C GLU B 199 11.60 5.62 -20.97
N PHE B 200 12.66 5.46 -21.75
CA PHE B 200 14.00 5.86 -21.36
C PHE B 200 14.22 7.24 -21.96
N GLU B 201 13.88 8.28 -21.19
CA GLU B 201 14.14 9.65 -21.54
C GLU B 201 13.61 9.96 -22.94
N GLY B 202 12.34 9.67 -23.15
CA GLY B 202 11.71 9.88 -24.44
C GLY B 202 11.51 8.72 -25.40
N ARG B 203 12.31 7.64 -25.35
CA ARG B 203 12.04 6.50 -26.26
C ARG B 203 11.61 5.22 -25.57
N LYS B 204 10.78 4.46 -26.28
CA LYS B 204 10.23 3.21 -25.76
C LYS B 204 11.33 2.23 -25.54
N LEU B 205 11.17 1.41 -24.50
CA LEU B 205 12.14 0.35 -24.24
C LEU B 205 12.08 -0.64 -25.38
N THR B 206 13.22 -1.18 -25.78
CA THR B 206 13.27 -2.28 -26.73
C THR B 206 12.93 -3.60 -26.04
N LYS B 207 12.62 -4.60 -26.85
CA LYS B 207 12.31 -5.91 -26.31
C LYS B 207 13.51 -6.54 -25.61
N GLU B 208 14.70 -6.24 -26.11
CA GLU B 208 15.96 -6.72 -25.54
C GLU B 208 16.18 -6.12 -24.16
N GLU B 209 15.81 -4.84 -23.97
CA GLU B 209 15.88 -4.23 -22.66
C GLU B 209 14.88 -4.86 -21.71
N VAL B 210 13.66 -5.14 -22.17
CA VAL B 210 12.66 -5.72 -21.34
C VAL B 210 13.13 -7.11 -20.91
N LYS B 211 13.77 -7.83 -21.83
CA LYS B 211 14.23 -9.17 -21.52
C LYS B 211 15.32 -9.12 -20.43
N GLY B 212 16.18 -8.12 -20.52
CA GLY B 212 17.19 -7.83 -19.51
C GLY B 212 16.65 -7.62 -18.11
N VAL B 213 15.52 -6.93 -17.98
CA VAL B 213 14.87 -6.73 -16.70
C VAL B 213 14.18 -8.00 -16.23
N MET B 214 13.53 -8.69 -17.14
CA MET B 214 12.70 -9.85 -16.78
C MET B 214 13.50 -11.12 -16.45
N VAL B 215 14.58 -11.38 -17.20
CA VAL B 215 15.47 -12.48 -16.82
C VAL B 215 16.08 -12.27 -15.42
N LEU B 216 16.52 -11.05 -15.19
CA LEU B 216 17.05 -10.71 -13.89
C LEU B 216 16.02 -10.86 -12.80
N THR B 217 14.82 -10.44 -13.06
CA THR B 217 13.74 -10.52 -12.11
C THR B 217 13.38 -12.00 -11.71
N PHE B 218 13.32 -12.91 -12.68
CA PHE B 218 13.19 -14.35 -12.36
C PHE B 218 14.37 -14.91 -11.61
N ALA B 219 15.56 -14.54 -12.04
CA ALA B 219 16.77 -15.19 -11.52
C ALA B 219 17.22 -14.69 -10.13
N GLY B 220 17.09 -13.40 -9.89
CA GLY B 220 17.60 -12.78 -8.69
C GLY B 220 16.79 -13.11 -7.44
N GLY B 221 15.52 -13.42 -7.62
CA GLY B 221 14.64 -13.74 -6.54
C GLY B 221 14.36 -15.21 -6.31
N ARG B 222 14.95 -16.11 -7.07
CA ARG B 222 14.49 -17.50 -7.03
C ARG B 222 15.10 -18.28 -5.84
N ASP B 223 16.40 -18.56 -5.94
CA ASP B 223 17.15 -19.25 -4.92
C ASP B 223 17.31 -18.44 -3.64
N THR B 224 17.51 -17.11 -3.77
CA THR B 224 17.68 -16.28 -2.60
C THR B 224 16.44 -16.41 -1.68
N VAL B 225 15.27 -16.18 -2.20
CA VAL B 225 14.03 -16.30 -1.45
C VAL B 225 13.79 -17.78 -0.99
N ILE B 226 14.08 -18.75 -1.82
CA ILE B 226 13.93 -20.15 -1.41
C ILE B 226 14.81 -20.50 -0.21
N ASN B 227 16.04 -20.03 -0.21
CA ASN B 227 16.98 -20.23 0.91
C ASN B 227 16.57 -19.46 2.18
N ALA B 228 16.14 -18.21 2.02
CA ALA B 228 15.66 -17.41 3.18
C ALA B 228 14.46 -18.08 3.84
N VAL B 229 13.52 -18.54 3.02
CA VAL B 229 12.31 -19.15 3.56
C VAL B 229 12.65 -20.44 4.30
N THR B 230 13.48 -21.26 3.67
CA THR B 230 13.86 -22.57 4.21
C THR B 230 14.68 -22.39 5.48
N ASN B 231 15.68 -21.50 5.44
CA ASN B 231 16.56 -21.26 6.60
C ASN B 231 15.82 -20.69 7.81
N SER B 232 14.78 -19.89 7.55
CA SER B 232 13.96 -19.35 8.60
C SER B 232 13.15 -20.41 9.32
N ILE B 233 12.64 -21.37 8.59
CA ILE B 233 11.82 -22.43 9.22
C ILE B 233 12.74 -23.32 10.04
N ALA B 234 13.88 -23.71 9.47
CA ALA B 234 14.89 -24.43 10.22
C ALA B 234 15.22 -23.73 11.56
N TYR B 235 15.54 -22.43 11.50
CA TYR B 235 15.85 -21.69 12.69
C TYR B 235 14.74 -21.71 13.74
N LEU B 236 13.50 -21.53 13.32
CA LEU B 236 12.39 -21.52 14.23
C LEU B 236 12.15 -22.91 14.82
N ALA B 237 12.54 -23.94 14.08
CA ALA B 237 12.34 -25.30 14.49
C ALA B 237 13.23 -25.67 15.67
N GLU B 238 14.41 -25.06 15.74
CA GLU B 238 15.37 -25.33 16.80
C GLU B 238 15.42 -24.25 17.85
N HIS B 239 14.58 -23.22 17.72
CA HIS B 239 14.53 -22.11 18.68
C HIS B 239 13.10 -21.81 19.10
N PRO B 240 12.49 -22.68 19.93
CA PRO B 240 11.11 -22.50 20.41
C PRO B 240 10.87 -21.15 21.08
N GLU B 241 11.85 -20.68 21.84
CA GLU B 241 11.76 -19.38 22.52
C GLU B 241 11.62 -18.20 21.50
N ALA B 242 12.27 -18.31 20.35
CA ALA B 242 12.09 -17.33 19.25
C ALA B 242 10.69 -17.38 18.70
N LEU B 243 10.19 -18.60 18.53
CA LEU B 243 8.84 -18.77 17.98
C LEU B 243 7.82 -18.09 18.91
N GLU B 244 7.97 -18.33 20.22
CA GLU B 244 7.12 -17.72 21.26
C GLU B 244 7.27 -16.18 21.27
N ARG B 245 8.50 -15.66 21.21
CA ARG B 245 8.70 -14.20 21.13
C ARG B 245 7.95 -13.55 19.99
N LEU B 246 7.95 -14.18 18.82
CA LEU B 246 7.24 -13.65 17.66
C LEU B 246 5.73 -13.70 17.81
N ARG B 247 5.24 -14.77 18.47
CA ARG B 247 3.80 -14.84 18.78
C ARG B 247 3.38 -13.70 19.72
N LYS B 248 4.13 -13.46 20.81
CA LYS B 248 3.76 -12.46 21.83
C LYS B 248 4.22 -11.06 21.57
N GLU B 249 5.20 -10.88 20.70
CA GLU B 249 5.75 -9.55 20.42
C GLU B 249 5.84 -9.33 18.91
N PRO B 250 4.68 -9.27 18.22
CA PRO B 250 4.66 -9.08 16.78
C PRO B 250 5.43 -7.84 16.24
N GLU B 251 5.54 -6.79 17.06
CA GLU B 251 6.34 -5.58 16.73
C GLU B 251 7.83 -5.84 16.39
N ILE B 252 8.42 -6.94 16.84
CA ILE B 252 9.81 -7.22 16.49
C ILE B 252 10.01 -7.89 15.12
N THR B 253 8.95 -8.16 14.38
CA THR B 253 9.06 -9.00 13.21
C THR B 253 9.96 -8.37 12.11
N GLY B 254 9.81 -7.07 11.85
CA GLY B 254 10.64 -6.35 10.86
C GLY B 254 12.13 -6.55 11.15
N ARG B 255 12.50 -6.37 12.41
CA ARG B 255 13.85 -6.47 12.85
C ARG B 255 14.35 -7.89 12.80
N ALA B 256 13.50 -8.86 13.15
CA ALA B 256 13.84 -10.29 13.00
C ALA B 256 14.07 -10.64 11.55
N VAL B 257 13.31 -10.07 10.64
CA VAL B 257 13.51 -10.38 9.22
C VAL B 257 14.86 -9.87 8.75
N GLU B 258 15.23 -8.64 9.16
CA GLU B 258 16.50 -8.05 8.75
C GLU B 258 17.63 -8.81 9.38
N GLU B 259 17.40 -9.33 10.58
CA GLU B 259 18.46 -10.05 11.26
C GLU B 259 18.68 -11.40 10.56
N MET B 260 17.58 -12.02 10.10
CA MET B 260 17.68 -13.23 9.31
C MET B 260 18.40 -13.02 7.98
N ILE B 261 18.12 -11.89 7.31
CA ILE B 261 18.85 -11.63 6.10
C ILE B 261 20.33 -11.47 6.37
N ARG B 262 20.70 -10.79 7.43
CA ARG B 262 22.13 -10.57 7.78
C ARG B 262 22.86 -11.89 7.99
N TYR B 263 22.29 -12.67 8.88
CA TYR B 263 22.94 -13.90 9.29
C TYR B 263 22.95 -14.91 8.16
N PHE B 264 21.83 -15.14 7.48
CA PHE B 264 21.82 -16.15 6.40
C PHE B 264 22.47 -15.66 5.10
N SER B 265 22.45 -14.35 4.84
CA SER B 265 23.08 -13.78 3.67
C SER B 265 22.96 -14.66 2.43
N PRO B 266 21.73 -14.91 1.97
CA PRO B 266 21.41 -15.88 0.90
C PRO B 266 22.14 -15.61 -0.41
N LEU B 267 22.50 -14.36 -0.69
CA LEU B 267 23.45 -14.09 -1.77
C LEU B 267 24.82 -13.83 -1.14
N THR B 268 25.69 -14.81 -1.31
CA THR B 268 26.95 -14.83 -0.63
C THR B 268 27.87 -13.70 -1.11
N GLN B 269 27.87 -13.45 -2.41
CA GLN B 269 28.80 -12.50 -2.98
C GLN B 269 28.40 -12.13 -4.38
N MET B 270 28.98 -11.05 -4.87
CA MET B 270 28.78 -10.63 -6.24
C MET B 270 30.03 -9.95 -6.78
N GLY B 271 30.35 -10.21 -8.03
CA GLY B 271 31.57 -9.69 -8.59
C GLY B 271 31.44 -8.27 -9.10
N ARG B 272 32.61 -7.65 -9.31
CA ARG B 272 32.78 -6.43 -10.06
C ARG B 272 34.05 -6.57 -10.92
N VAL B 273 34.17 -5.78 -11.98
CA VAL B 273 35.33 -5.74 -12.82
C VAL B 273 36.13 -4.47 -12.52
N VAL B 274 37.42 -4.65 -12.27
CA VAL B 274 38.30 -3.53 -11.90
C VAL B 274 38.65 -2.74 -13.19
N THR B 275 38.54 -1.43 -13.18
CA THR B 275 38.67 -0.68 -14.44
C THR B 275 40.04 -0.02 -14.56
N GLU B 276 40.84 -0.09 -13.51
CA GLU B 276 42.13 0.60 -13.44
C GLU B 276 42.92 -0.04 -12.31
N ASP B 277 44.25 0.01 -12.39
CA ASP B 277 45.12 -0.56 -11.35
C ASP B 277 44.88 0.21 -10.05
N THR B 278 44.67 -0.52 -8.96
CA THR B 278 44.39 0.05 -7.65
C THR B 278 44.86 -0.91 -6.56
N HIS B 279 44.61 -0.56 -5.29
CA HIS B 279 44.81 -1.46 -4.15
C HIS B 279 43.55 -1.54 -3.26
N VAL B 280 43.39 -2.65 -2.56
CA VAL B 280 42.40 -2.77 -1.47
C VAL B 280 43.02 -3.57 -0.36
N CYS B 281 42.97 -3.06 0.87
CA CYS B 281 43.68 -3.68 2.01
C CYS B 281 45.17 -3.84 1.74
N GLU B 282 45.78 -2.82 1.13
CA GLU B 282 47.21 -2.82 0.77
C GLU B 282 47.61 -3.95 -0.22
N HIS B 283 46.64 -4.55 -0.91
CA HIS B 283 46.88 -5.64 -1.87
C HIS B 283 46.54 -5.13 -3.25
N ALA B 284 47.40 -5.40 -4.22
CA ALA B 284 47.28 -4.76 -5.51
C ALA B 284 46.30 -5.57 -6.34
N VAL B 285 45.47 -4.88 -7.12
CA VAL B 285 44.58 -5.53 -8.08
C VAL B 285 44.65 -4.83 -9.42
N LYS B 286 44.85 -5.62 -10.45
CA LYS B 286 45.18 -5.14 -11.78
C LYS B 286 43.86 -4.86 -12.55
N ALA B 287 43.91 -3.92 -13.48
CA ALA B 287 42.80 -3.64 -14.38
C ALA B 287 42.30 -4.87 -15.15
N ASP B 288 41.00 -4.87 -15.43
CA ASP B 288 40.31 -5.97 -16.06
C ASP B 288 40.31 -7.29 -15.26
N SER B 289 40.68 -7.29 -13.99
CA SER B 289 40.47 -8.49 -13.16
C SER B 289 39.16 -8.37 -12.40
N ARG B 290 38.76 -9.43 -11.68
CA ARG B 290 37.53 -9.41 -10.90
C ARG B 290 37.79 -9.32 -9.41
N ILE B 291 37.00 -8.50 -8.71
CA ILE B 291 36.90 -8.60 -7.25
C ILE B 291 35.50 -9.13 -6.95
N SER B 292 35.27 -9.51 -5.71
CA SER B 292 33.94 -9.81 -5.24
C SER B 292 33.63 -9.00 -3.97
N LEU B 293 32.37 -8.59 -3.85
CA LEU B 293 31.83 -7.98 -2.66
C LEU B 293 31.17 -9.14 -1.87
N CYS B 294 31.82 -9.61 -0.83
CA CYS B 294 31.33 -10.79 -0.13
C CYS B 294 30.45 -10.33 1.02
N TRP B 295 29.17 -10.17 0.69
CA TRP B 295 28.16 -9.72 1.64
C TRP B 295 28.10 -10.66 2.87
N ALA B 296 28.27 -11.94 2.68
CA ALA B 296 28.18 -12.89 3.84
C ALA B 296 29.30 -12.71 4.88
N SER B 297 30.52 -12.42 4.43
CA SER B 297 31.62 -12.03 5.33
C SER B 297 31.43 -10.67 5.98
N ALA B 298 31.01 -9.68 5.20
CA ALA B 298 30.76 -8.35 5.74
C ALA B 298 29.73 -8.39 6.85
N ASN B 299 28.77 -9.29 6.75
CA ASN B 299 27.65 -9.35 7.67
C ASN B 299 28.00 -10.10 8.95
N ARG B 300 29.22 -10.67 9.03
CA ARG B 300 29.79 -11.22 10.26
C ARG B 300 30.94 -10.38 10.88
N ASP B 301 31.30 -9.27 10.27
CA ASP B 301 32.39 -8.43 10.73
C ASP B 301 32.28 -8.02 12.21
N ALA B 302 33.26 -8.39 13.02
CA ALA B 302 33.14 -8.22 14.47
C ALA B 302 33.48 -6.82 14.96
N ALA B 303 34.00 -5.94 14.06
CA ALA B 303 34.12 -4.52 14.41
C ALA B 303 32.79 -3.80 14.28
N VAL B 304 31.79 -4.46 13.69
CA VAL B 304 30.53 -3.80 13.31
C VAL B 304 29.32 -4.41 14.00
N PHE B 305 29.28 -5.74 14.16
CA PHE B 305 28.12 -6.35 14.80
C PHE B 305 28.51 -7.02 16.08
N GLU B 306 27.81 -6.65 17.14
CA GLU B 306 27.88 -7.40 18.38
C GLU B 306 27.30 -8.80 18.16
N ASN B 307 27.92 -9.82 18.77
CA ASN B 307 27.44 -11.23 18.71
C ASN B 307 27.15 -11.61 17.26
N PRO B 308 28.16 -11.50 16.39
CA PRO B 308 27.88 -11.66 14.96
C PRO B 308 27.47 -13.05 14.52
N ASN B 309 27.85 -14.09 15.24
CA ASN B 309 27.58 -15.47 14.78
C ASN B 309 26.36 -16.02 15.47
N GLU B 310 25.54 -15.12 16.02
CA GLU B 310 24.24 -15.44 16.55
C GLU B 310 23.18 -14.60 15.85
N ILE B 311 21.96 -15.12 15.87
CA ILE B 311 20.77 -14.38 15.54
C ILE B 311 20.24 -13.70 16.82
N VAL B 312 20.36 -12.38 16.85
CA VAL B 312 19.76 -11.55 17.88
C VAL B 312 18.44 -11.03 17.33
N LEU B 313 17.37 -11.63 17.82
CA LEU B 313 16.06 -11.60 17.15
C LEU B 313 15.49 -10.19 16.94
N ASP B 314 15.80 -9.29 17.85
CA ASP B 314 15.24 -7.96 17.84
C ASP B 314 16.33 -6.90 17.59
N ARG B 315 17.42 -7.26 16.92
CA ARG B 315 18.56 -6.36 16.77
C ARG B 315 18.10 -5.03 16.20
N LYS B 316 18.29 -3.92 16.93
CA LYS B 316 17.99 -2.56 16.44
C LYS B 316 19.10 -1.98 15.57
N VAL B 317 20.34 -2.21 15.96
CA VAL B 317 21.45 -1.64 15.20
C VAL B 317 21.93 -2.67 14.17
N ASN B 318 21.56 -2.50 12.90
CA ASN B 318 21.80 -3.60 11.94
C ASN B 318 22.08 -3.09 10.54
N PRO B 319 23.28 -2.52 10.32
CA PRO B 319 23.68 -1.97 8.99
C PRO B 319 24.19 -3.06 8.07
N HIS B 320 23.43 -4.17 7.96
CA HIS B 320 23.85 -5.29 7.13
C HIS B 320 23.80 -4.98 5.63
N VAL B 321 24.51 -5.79 4.85
CA VAL B 321 24.58 -5.61 3.42
C VAL B 321 24.04 -6.85 2.68
N GLY B 322 23.15 -7.61 3.35
CA GLY B 322 22.48 -8.74 2.73
C GLY B 322 21.72 -8.45 1.46
N PHE B 323 21.21 -7.18 1.33
CA PHE B 323 20.54 -6.67 0.15
C PHE B 323 21.42 -5.67 -0.60
N GLY B 324 22.72 -5.81 -0.45
CA GLY B 324 23.65 -4.96 -1.21
C GLY B 324 23.89 -3.66 -0.51
N PHE B 325 24.43 -2.69 -1.23
CA PHE B 325 24.74 -1.37 -0.67
C PHE B 325 24.85 -0.37 -1.83
N SER B 326 24.34 0.83 -1.60
CA SER B 326 24.42 1.96 -2.57
C SER B 326 23.71 1.59 -3.89
N HIS B 327 24.33 1.89 -5.03
CA HIS B 327 23.60 1.93 -6.32
C HIS B 327 22.76 0.71 -6.67
N HIS B 328 23.36 -0.46 -6.57
CA HIS B 328 22.67 -1.70 -6.97
C HIS B 328 21.88 -2.37 -5.85
N ASN B 329 21.55 -1.65 -4.78
CA ASN B 329 20.85 -2.33 -3.69
C ASN B 329 19.58 -3.02 -4.19
N CYS B 330 19.27 -4.15 -3.56
CA CYS B 330 18.24 -5.08 -4.07
C CYS B 330 16.85 -4.46 -4.26
N LEU B 331 16.38 -4.49 -5.50
CA LEU B 331 15.03 -4.02 -5.88
C LEU B 331 13.92 -4.96 -5.36
N GLY B 332 14.23 -6.25 -5.25
CA GLY B 332 13.28 -7.22 -4.71
C GLY B 332 13.21 -7.24 -3.20
N ALA B 333 13.91 -6.31 -2.54
CA ALA B 333 14.01 -6.33 -1.07
C ALA B 333 12.66 -6.17 -0.39
N THR B 334 11.85 -5.28 -0.94
CA THR B 334 10.50 -5.02 -0.41
C THR B 334 9.58 -6.25 -0.51
N HIS B 335 9.59 -6.89 -1.68
CA HIS B 335 8.85 -8.13 -1.87
C HIS B 335 9.28 -9.21 -0.88
N ALA B 336 10.58 -9.38 -0.79
CA ALA B 336 11.21 -10.39 0.07
C ALA B 336 10.92 -10.14 1.57
N ARG B 337 11.00 -8.88 1.97
CA ARG B 337 10.66 -8.53 3.33
C ARG B 337 9.22 -8.87 3.71
N GLN B 338 8.30 -8.59 2.79
CA GLN B 338 6.90 -8.87 3.07
C GLN B 338 6.66 -10.40 3.15
N ILE B 339 7.33 -11.14 2.26
CA ILE B 339 7.25 -12.59 2.29
C ILE B 339 7.64 -13.10 3.65
N LEU B 340 8.81 -12.67 4.10
CA LEU B 340 9.36 -13.15 5.36
C LEU B 340 8.62 -12.64 6.61
N LYS B 341 8.14 -11.39 6.63
CA LYS B 341 7.35 -10.90 7.80
C LYS B 341 6.07 -11.73 7.94
N ILE B 342 5.37 -11.94 6.82
CA ILE B 342 4.13 -12.67 6.80
C ILE B 342 4.34 -14.17 7.11
N LEU B 343 5.38 -14.78 6.55
CA LEU B 343 5.73 -16.17 6.91
C LEU B 343 6.00 -16.31 8.41
N LEU B 344 6.88 -15.46 8.95
CA LEU B 344 7.21 -15.55 10.37
C LEU B 344 5.96 -15.44 11.28
N GLN B 345 5.08 -14.50 10.97
CA GLN B 345 3.84 -14.27 11.74
C GLN B 345 2.85 -15.43 11.55
N THR B 346 2.73 -15.96 10.32
CA THR B 346 1.82 -17.06 10.08
C THR B 346 2.26 -18.30 10.84
N LEU B 347 3.55 -18.62 10.80
CA LEU B 347 4.08 -19.74 11.58
C LEU B 347 3.89 -19.54 13.10
N ALA B 348 4.11 -18.33 13.58
CA ALA B 348 3.97 -18.06 15.00
C ALA B 348 2.51 -18.17 15.52
N GLN B 349 1.55 -17.82 14.66
CA GLN B 349 0.15 -17.88 15.04
C GLN B 349 -0.52 -19.28 14.80
N LYS B 350 0.14 -20.19 14.08
CA LYS B 350 -0.47 -21.47 13.67
C LYS B 350 0.33 -22.73 14.03
N VAL B 351 1.63 -22.62 14.26
CA VAL B 351 2.47 -23.76 14.55
C VAL B 351 2.96 -23.71 16.00
N ALA B 352 2.91 -24.87 16.68
CA ALA B 352 3.35 -24.98 18.07
C ALA B 352 4.84 -25.37 18.12
N SER B 353 5.27 -26.25 17.22
CA SER B 353 6.62 -26.77 17.22
C SER B 353 6.90 -27.49 15.91
N PHE B 354 8.15 -27.85 15.67
CA PHE B 354 8.59 -28.55 14.47
C PHE B 354 9.49 -29.72 14.84
N GLU B 355 9.77 -30.62 13.90
CA GLU B 355 10.84 -31.61 14.05
C GLU B 355 11.51 -31.76 12.73
N ILE B 356 12.82 -31.62 12.71
CA ILE B 356 13.59 -31.82 11.50
C ILE B 356 13.94 -33.30 11.38
N LEU B 357 13.54 -33.95 10.28
CA LEU B 357 13.64 -35.40 10.13
C LEU B 357 14.81 -35.93 9.30
N ASP B 358 15.33 -35.16 8.37
CA ASP B 358 16.26 -35.71 7.33
C ASP B 358 16.67 -34.55 6.46
N TYR B 359 17.95 -34.43 6.11
CA TYR B 359 18.39 -33.23 5.39
C TYR B 359 19.68 -33.49 4.62
N LYS B 360 19.96 -32.63 3.65
CA LYS B 360 21.24 -32.60 2.98
C LYS B 360 21.62 -31.15 2.73
N GLU B 361 22.81 -30.78 3.19
CA GLU B 361 23.27 -29.41 3.15
C GLU B 361 23.71 -28.98 1.77
N ASN B 362 23.45 -27.71 1.45
CA ASN B 362 23.95 -27.10 0.22
C ASN B 362 25.18 -26.30 0.65
N ILE B 363 26.35 -26.77 0.22
CA ILE B 363 27.62 -26.15 0.52
C ILE B 363 28.17 -25.54 -0.74
N GLU B 364 28.47 -24.25 -0.71
CA GLU B 364 29.06 -23.55 -1.85
C GLU B 364 30.56 -23.77 -1.83
N ASP B 365 31.05 -24.29 -2.94
CA ASP B 365 32.46 -24.53 -3.18
C ASP B 365 33.08 -23.22 -3.63
N LEU B 366 33.79 -22.56 -2.71
CA LEU B 366 34.48 -21.27 -3.00
C LEU B 366 36.00 -21.43 -2.84
N ASP B 367 36.52 -22.55 -3.38
CA ASP B 367 37.93 -22.91 -3.36
C ASP B 367 38.47 -23.11 -1.91
N HIS B 368 39.20 -22.16 -1.36
CA HIS B 368 39.72 -22.31 0.01
C HIS B 368 38.60 -22.14 1.08
N PHE B 369 37.42 -21.67 0.66
CA PHE B 369 36.30 -21.52 1.57
C PHE B 369 35.14 -22.39 1.13
N GLN B 370 34.51 -22.96 2.12
CA GLN B 370 33.37 -23.82 1.90
C GLN B 370 32.27 -23.21 2.77
N ARG B 371 31.20 -22.78 2.12
CA ARG B 371 30.15 -22.01 2.81
C ARG B 371 28.79 -22.66 2.75
N LYS B 372 28.27 -23.06 3.89
CA LYS B 372 26.90 -23.47 3.94
C LYS B 372 25.96 -22.28 3.68
N VAL B 373 25.16 -22.39 2.63
CA VAL B 373 24.15 -21.40 2.27
C VAL B 373 22.72 -21.84 2.64
N GLY B 374 22.53 -23.12 2.98
CA GLY B 374 21.21 -23.67 3.22
C GLY B 374 21.15 -25.18 2.97
N PHE B 375 20.05 -25.67 2.40
CA PHE B 375 19.79 -27.10 2.20
C PHE B 375 19.35 -27.43 0.77
N HIS B 376 19.81 -28.54 0.25
CA HIS B 376 19.26 -29.08 -1.01
C HIS B 376 17.88 -29.69 -0.69
N ASN B 377 17.77 -30.29 0.50
CA ASN B 377 16.49 -30.82 0.97
C ASN B 377 16.47 -30.89 2.49
N ILE B 378 15.30 -30.79 3.11
CA ILE B 378 15.18 -30.88 4.54
C ILE B 378 13.73 -31.16 4.83
N GLN B 379 13.47 -32.26 5.53
CA GLN B 379 12.11 -32.75 5.79
C GLN B 379 11.72 -32.25 7.14
N ILE B 380 10.58 -31.59 7.26
CA ILE B 380 10.19 -31.02 8.54
C ILE B 380 8.73 -31.27 8.82
N LYS B 381 8.45 -31.59 10.08
CA LYS B 381 7.13 -31.91 10.54
C LYS B 381 6.60 -30.67 11.22
N PHE B 382 5.38 -30.27 10.91
CA PHE B 382 4.77 -29.07 11.51
C PHE B 382 3.67 -29.58 12.45
N ASN B 383 3.73 -29.28 13.76
CA ASN B 383 2.63 -29.63 14.69
C ASN B 383 1.75 -28.43 14.94
N PRO B 384 0.42 -28.61 14.93
CA PRO B 384 -0.54 -27.50 15.04
C PRO B 384 -0.71 -26.91 16.43
N LEU B 385 -1.00 -25.62 16.52
CA LEU B 385 -1.26 -25.00 17.83
C LEU B 385 -2.61 -25.38 18.41
#